data_9CGY
#
_entry.id   9CGY
#
_cell.length_a   80.631
_cell.length_b   93.582
_cell.length_c   124.104
_cell.angle_alpha   90.000
_cell.angle_beta   90.000
_cell.angle_gamma   90.000
#
_symmetry.space_group_name_H-M   'P 21 21 21'
#
loop_
_entity.id
_entity.type
_entity.pdbx_description
1 polymer PelA
2 water water
#
_entity_poly.entity_id   1
_entity_poly.type   'polypeptide(L)'
_entity_poly.pdbx_seq_one_letter_code
;KPSSVAFWYAEQPPLAELSQFDWVVLEPGHADAADIAYLKAQGSTPFAYLSVGEFDGDTAELAGAGLEEGASAVRNDAWH
SQVMDLSSSVWREHLFSRAAELRRQGYAGLFLDTLDSFQLQSEDRHEPQRQALVSLLAELHRREPQLSLFFNRGFEVLPE
LPGVASAVAVESIHAGWEAASSRYRTVSQEDRDWLQPHLEALRAQGVPLVAIEYLPPERREEARELAARLVKEGFIPYVT
TPALDTLGVGSLEVQPRRIALVYDPREGELESNPGHVMLGGLLEYLGYRVDYWPAGEALPQRPLKGLYAGVVIWMTSGPP
SASDSFHAWLNARIDEQVPIAFLAGLPVDNDGLLQRLGMRRLSQPLRGEPRLEFHDQSLLGAFEAPLRLRTRDLPALTVT
DPQLTQAALVLEHGGRRYVPVATGTWGGIALAPYLVEEALDHRRWIIDPFAFIQRAFALPPLPSPDVTTENGRRVATVHI
DGDGFVSRAEVPGTPYAGQQVLEAFIRPYPLLTSVSVVEGEVGPKGMYPHLSKELEPIARRIFADPKVEVASHTFSHPFF
WQPEKAAQSDDFDPQYGLMMKIPGYEVLDMRREVVGTRDYINQRLTTPEKPVKMIFWSGDALPDAETIKLAYDSGLPNVN
GGNTMLTKAYPSLTGLYPLIRPTSGGVQYYAPIINENVYTNLWTGPYYGFRDVLDTFALTDQPRRLRGLHLYYHFYSGTK
QASIRAMHQIYAEMLRQQPLSLWMSDYVRRLEGLHCASLARRADGRWQLRGLAGLRTLRLDPALGWPDLARSKGVAGVRD
LPQGRYVHLSRADALLALRSSRDPRPALEEANLPLTAWEYRSASQVSFSFAGELPLQFSVRAAGPCRVTVAGQSFQGKEH
DGLWRFQLPMKQVRDGQLVC
;
_entity_poly.pdbx_strand_id   A
#
# COMPACT_ATOMS: atom_id res chain seq x y z
N LYS A 1 -2.74 11.74 -25.72
CA LYS A 1 -4.10 12.12 -25.33
C LYS A 1 -4.54 11.32 -24.09
N PRO A 2 -5.14 12.00 -23.12
CA PRO A 2 -5.44 11.32 -21.86
C PRO A 2 -6.59 10.34 -22.03
N SER A 3 -6.46 9.20 -21.34
CA SER A 3 -7.58 8.27 -21.20
C SER A 3 -8.34 8.44 -19.88
N SER A 4 -7.75 9.06 -18.86
CA SER A 4 -8.40 9.32 -17.57
C SER A 4 -7.76 10.54 -16.93
N VAL A 5 -8.55 11.25 -16.13
CA VAL A 5 -8.14 12.49 -15.47
C VAL A 5 -8.72 12.51 -14.05
N ALA A 6 -7.93 12.98 -13.08
CA ALA A 6 -8.42 13.22 -11.73
C ALA A 6 -7.97 14.59 -11.26
N PHE A 7 -8.73 15.18 -10.32
CA PHE A 7 -8.41 16.44 -9.70
C PHE A 7 -8.33 16.25 -8.19
N TRP A 8 -7.28 16.78 -7.58
CA TRP A 8 -7.15 16.74 -6.11
C TRP A 8 -6.52 18.04 -5.65
N TYR A 9 -7.32 18.91 -5.05
CA TYR A 9 -6.84 20.24 -4.65
C TYR A 9 -6.51 20.36 -3.17
N ALA A 10 -6.72 19.29 -2.39
CA ALA A 10 -6.49 19.29 -0.96
C ALA A 10 -5.06 18.86 -0.64
N GLU A 11 -4.68 19.05 0.61
CA GLU A 11 -3.40 18.51 1.05
C GLU A 11 -3.47 16.97 1.16
N GLN A 12 -2.33 16.37 1.34
CA GLN A 12 -2.19 14.92 1.54
C GLN A 12 -2.81 14.15 0.38
N PRO A 13 -2.42 14.47 -0.85
CA PRO A 13 -2.90 13.69 -2.00
C PRO A 13 -2.56 12.22 -1.84
N PRO A 14 -3.52 11.32 -2.08
CA PRO A 14 -3.20 9.87 -2.02
C PRO A 14 -2.51 9.45 -3.31
N LEU A 15 -1.17 9.36 -3.26
CA LEU A 15 -0.37 9.38 -4.48
C LEU A 15 -0.58 8.13 -5.35
N ALA A 16 -0.59 6.95 -4.74
CA ALA A 16 -0.70 5.74 -5.56
C ALA A 16 -2.06 5.67 -6.22
N GLU A 17 -3.11 6.00 -5.46
CA GLU A 17 -4.45 6.01 -6.03
C GLU A 17 -4.56 7.03 -7.16
N LEU A 18 -4.07 8.24 -6.96
CA LEU A 18 -4.16 9.24 -8.01
C LEU A 18 -3.35 8.85 -9.23
N SER A 19 -2.23 8.15 -9.03
CA SER A 19 -1.35 7.71 -10.11
C SER A 19 -2.03 6.69 -11.00
N GLN A 20 -3.19 6.18 -10.58
CA GLN A 20 -3.98 5.34 -11.47
C GLN A 20 -4.45 6.11 -12.69
N PHE A 21 -4.61 7.43 -12.56
CA PHE A 21 -5.12 8.29 -13.62
C PHE A 21 -4.01 8.82 -14.52
N ASP A 22 -4.31 8.92 -15.81
CA ASP A 22 -3.36 9.42 -16.80
C ASP A 22 -2.88 10.81 -16.48
N TRP A 23 -3.82 11.71 -16.22
CA TRP A 23 -3.51 13.09 -15.85
C TRP A 23 -4.02 13.35 -14.44
N VAL A 24 -3.22 14.06 -13.65
CA VAL A 24 -3.60 14.43 -12.30
C VAL A 24 -3.38 15.93 -12.12
N VAL A 25 -4.46 16.67 -11.82
CA VAL A 25 -4.40 18.10 -11.56
C VAL A 25 -4.32 18.33 -10.05
N LEU A 26 -3.30 19.05 -9.63
CA LEU A 26 -3.07 19.37 -8.24
C LEU A 26 -3.13 20.86 -8.02
N GLU A 27 -3.30 21.23 -6.74
CA GLU A 27 -3.20 22.63 -6.32
C GLU A 27 -1.76 22.83 -5.84
N PRO A 28 -0.94 23.61 -6.55
CA PRO A 28 0.45 23.76 -6.12
C PRO A 28 0.41 24.55 -4.83
N GLY A 29 1.22 24.18 -3.88
CA GLY A 29 1.02 24.78 -2.59
C GLY A 29 0.29 23.87 -1.63
N HIS A 30 -0.52 22.94 -2.13
CA HIS A 30 -0.91 21.80 -1.32
C HIS A 30 -0.12 20.55 -1.69
N ALA A 31 0.85 20.68 -2.58
CA ALA A 31 1.66 19.56 -3.03
C ALA A 31 3.13 19.95 -3.06
N ASP A 32 4.01 18.98 -2.84
CA ASP A 32 5.44 19.25 -2.83
C ASP A 32 6.17 18.46 -3.91
N ALA A 33 7.48 18.68 -3.95
CA ALA A 33 8.32 18.13 -5.01
C ALA A 33 8.22 16.62 -5.04
N ALA A 34 8.15 16.00 -3.86
CA ALA A 34 8.13 14.56 -3.76
C ALA A 34 6.85 13.98 -4.36
N ASP A 35 5.73 14.64 -4.09
CA ASP A 35 4.46 14.26 -4.70
C ASP A 35 4.54 14.21 -6.21
N ILE A 36 5.02 15.29 -6.82
CA ILE A 36 5.12 15.39 -8.27
C ILE A 36 6.01 14.29 -8.84
N ALA A 37 7.17 14.05 -8.21
CA ALA A 37 8.07 13.04 -8.72
C ALA A 37 7.48 11.63 -8.61
N TYR A 38 6.78 11.34 -7.52
CA TYR A 38 6.15 10.04 -7.40
C TYR A 38 5.11 9.81 -8.50
N LEU A 39 4.21 10.76 -8.69
CA LEU A 39 3.23 10.63 -9.78
C LEU A 39 3.94 10.32 -11.10
N LYS A 40 5.01 11.06 -11.41
CA LYS A 40 5.70 10.84 -12.68
C LYS A 40 6.32 9.45 -12.76
N ALA A 41 6.98 9.03 -11.69
CA ALA A 41 7.56 7.70 -11.69
C ALA A 41 6.50 6.62 -11.87
N GLN A 42 5.25 6.86 -11.46
CA GLN A 42 4.20 5.90 -11.69
C GLN A 42 3.58 6.03 -13.06
N GLY A 43 4.08 6.92 -13.91
CA GLY A 43 3.51 7.10 -15.24
C GLY A 43 2.43 8.15 -15.40
N SER A 44 2.03 8.85 -14.33
CA SER A 44 1.01 9.90 -14.44
C SER A 44 1.64 11.25 -14.79
N THR A 45 0.85 12.09 -15.46
CA THR A 45 1.26 13.43 -15.86
C THR A 45 0.68 14.49 -14.94
N PRO A 46 1.51 15.17 -14.16
CA PRO A 46 0.97 16.13 -13.18
C PRO A 46 0.75 17.51 -13.75
N PHE A 47 -0.44 18.05 -13.47
CA PHE A 47 -0.84 19.38 -13.88
C PHE A 47 -1.03 20.24 -12.65
N ALA A 48 -0.80 21.55 -12.82
CA ALA A 48 -0.91 22.49 -11.73
C ALA A 48 -2.08 23.43 -12.00
N TYR A 49 -2.96 23.59 -11.01
CA TYR A 49 -4.03 24.58 -11.13
C TYR A 49 -3.41 25.97 -11.26
N LEU A 50 -3.98 26.80 -12.14
CA LEU A 50 -3.57 28.20 -12.22
C LEU A 50 -4.75 29.05 -12.67
N SER A 51 -5.18 29.98 -11.82
CA SER A 51 -6.30 30.85 -12.17
C SER A 51 -5.80 32.03 -12.99
N VAL A 52 -6.36 32.21 -14.18
CA VAL A 52 -5.86 33.20 -15.12
C VAL A 52 -6.66 34.49 -15.03
N GLY A 53 -7.99 34.38 -14.86
CA GLY A 53 -8.89 35.52 -14.88
C GLY A 53 -9.15 36.20 -13.57
N GLU A 54 -8.79 35.56 -12.46
CA GLU A 54 -9.03 36.12 -11.15
C GLU A 54 -7.88 35.88 -10.21
N PHE A 55 -7.77 36.72 -9.20
CA PHE A 55 -6.88 36.50 -8.07
C PHE A 55 -7.69 36.17 -6.82
N ASP A 56 -7.16 35.26 -6.00
CA ASP A 56 -7.83 34.81 -4.78
C ASP A 56 -7.19 35.41 -3.54
N HIS A 80 -14.13 35.33 -2.48
CA HIS A 80 -13.50 36.64 -2.33
C HIS A 80 -12.39 36.72 -3.39
N SER A 81 -12.80 36.98 -4.63
CA SER A 81 -11.92 36.98 -5.77
C SER A 81 -11.86 38.38 -6.38
N GLN A 82 -10.77 38.62 -7.12
CA GLN A 82 -10.56 39.88 -7.82
C GLN A 82 -10.45 39.57 -9.31
N VAL A 83 -11.41 40.05 -10.08
CA VAL A 83 -11.29 39.97 -11.53
C VAL A 83 -10.14 40.89 -11.97
N MET A 84 -9.14 40.30 -12.61
CA MET A 84 -7.90 40.98 -12.95
C MET A 84 -8.04 41.57 -14.32
N ASP A 85 -7.21 42.57 -14.61
CA ASP A 85 -7.17 43.17 -15.95
C ASP A 85 -6.24 42.33 -16.79
N LEU A 86 -6.78 41.64 -17.79
CA LEU A 86 -6.01 40.72 -18.61
C LEU A 86 -5.08 41.45 -19.58
N SER A 87 -5.28 42.75 -19.78
CA SER A 87 -4.34 43.56 -20.56
C SER A 87 -3.23 44.13 -19.71
N SER A 88 -3.28 43.92 -18.39
CA SER A 88 -2.30 44.51 -17.50
C SER A 88 -0.94 43.80 -17.55
N SER A 89 0.13 44.60 -17.67
CA SER A 89 1.46 44.05 -17.74
C SER A 89 1.88 43.39 -16.43
N VAL A 90 1.43 43.93 -15.30
CA VAL A 90 1.78 43.34 -14.01
C VAL A 90 1.15 41.96 -13.85
N TRP A 91 -0.07 41.79 -14.36
CA TRP A 91 -0.78 40.52 -14.18
C TRP A 91 -0.32 39.48 -15.18
N ARG A 92 -0.18 39.88 -16.45
CA ARG A 92 0.37 39.01 -17.48
C ARG A 92 1.72 38.44 -17.06
N GLU A 93 2.66 39.31 -16.71
CA GLU A 93 3.99 38.84 -16.34
C GLU A 93 3.95 38.03 -15.06
N HIS A 94 3.01 38.30 -14.17
CA HIS A 94 2.90 37.45 -12.98
C HIS A 94 2.55 36.01 -13.36
N LEU A 95 1.62 35.85 -14.31
CA LEU A 95 1.22 34.53 -14.73
C LEU A 95 2.29 33.85 -15.57
N PHE A 96 2.93 34.60 -16.48
CA PHE A 96 4.06 34.04 -17.22
C PHE A 96 5.12 33.54 -16.26
N SER A 97 5.42 34.32 -15.20
CA SER A 97 6.40 33.91 -14.21
C SER A 97 5.97 32.64 -13.51
N ARG A 98 4.72 32.60 -13.06
CA ARG A 98 4.23 31.43 -12.36
C ARG A 98 4.33 30.19 -13.23
N ALA A 99 4.02 30.32 -14.50
CA ALA A 99 4.17 29.19 -15.40
C ALA A 99 5.60 28.67 -15.44
N ALA A 100 6.58 29.59 -15.45
CA ALA A 100 7.97 29.15 -15.54
C ALA A 100 8.35 28.41 -14.29
N GLU A 101 7.95 28.94 -13.13
CA GLU A 101 8.26 28.30 -11.86
C GLU A 101 7.68 26.90 -11.83
N LEU A 102 6.40 26.79 -12.16
CA LEU A 102 5.71 25.51 -12.04
C LEU A 102 6.36 24.48 -12.96
N ARG A 103 6.77 24.91 -14.16
CA ARG A 103 7.49 24.00 -15.05
C ARG A 103 8.81 23.57 -14.39
N ARG A 104 9.52 24.52 -13.80
CA ARG A 104 10.81 24.21 -13.17
C ARG A 104 10.63 23.26 -12.01
N GLN A 105 9.48 23.32 -11.37
CA GLN A 105 9.20 22.46 -10.23
C GLN A 105 8.70 21.10 -10.64
N GLY A 106 8.61 20.81 -11.94
CA GLY A 106 8.30 19.48 -12.39
C GLY A 106 6.93 19.28 -12.99
N TYR A 107 6.02 20.25 -12.93
CA TYR A 107 4.71 20.05 -13.54
C TYR A 107 4.82 19.90 -15.05
N ALA A 108 3.98 19.05 -15.62
CA ALA A 108 4.01 18.82 -17.07
C ALA A 108 2.99 19.67 -17.80
N GLY A 109 2.16 20.38 -17.04
CA GLY A 109 1.14 21.21 -17.66
C GLY A 109 0.42 22.08 -16.63
N LEU A 110 -0.54 22.85 -17.14
CA LEU A 110 -1.33 23.78 -16.37
C LEU A 110 -2.81 23.52 -16.63
N PHE A 111 -3.60 23.64 -15.59
CA PHE A 111 -5.04 23.64 -15.73
C PHE A 111 -5.48 25.09 -15.59
N LEU A 112 -5.91 25.69 -16.70
CA LEU A 112 -6.15 27.14 -16.74
C LEU A 112 -7.63 27.41 -16.40
N ASP A 113 -7.84 28.08 -15.28
CA ASP A 113 -9.14 28.39 -14.71
C ASP A 113 -9.45 29.88 -14.88
N THR A 114 -10.71 30.21 -14.57
CA THR A 114 -11.32 31.53 -14.66
C THR A 114 -11.05 32.22 -15.98
N LEU A 115 -11.25 31.47 -17.06
CA LEU A 115 -11.05 31.99 -18.40
C LEU A 115 -12.27 32.75 -18.94
N ASP A 116 -13.41 32.69 -18.25
CA ASP A 116 -14.56 33.47 -18.67
C ASP A 116 -14.91 34.53 -17.64
N SER A 117 -14.06 34.74 -16.64
CA SER A 117 -14.34 35.73 -15.62
C SER A 117 -14.36 37.15 -16.19
N PHE A 118 -13.78 37.39 -17.37
CA PHE A 118 -13.77 38.75 -17.90
C PHE A 118 -15.18 39.20 -18.27
N GLN A 119 -16.08 38.26 -18.57
CA GLN A 119 -17.44 38.60 -18.94
C GLN A 119 -18.22 39.19 -17.77
N LEU A 120 -17.66 39.19 -16.56
CA LEU A 120 -18.27 39.91 -15.45
C LEU A 120 -18.18 41.43 -15.64
N GLN A 121 -17.25 41.89 -16.48
CA GLN A 121 -17.10 43.32 -16.75
C GLN A 121 -18.23 43.82 -17.63
N SER A 122 -18.24 45.14 -17.87
CA SER A 122 -19.25 45.78 -18.71
C SER A 122 -19.09 45.33 -20.16
N GLU A 123 -20.23 45.19 -20.86
CA GLU A 123 -20.17 44.74 -22.24
C GLU A 123 -19.11 45.52 -23.01
N ASP A 124 -18.95 46.81 -22.65
CA ASP A 124 -17.97 47.68 -23.31
C ASP A 124 -16.55 47.10 -23.23
N ARG A 125 -16.22 46.48 -22.11
CA ARG A 125 -14.87 46.00 -21.87
C ARG A 125 -14.70 44.54 -22.27
N HIS A 126 -15.78 43.86 -22.66
CA HIS A 126 -15.72 42.42 -22.92
C HIS A 126 -14.79 42.09 -24.08
N GLU A 127 -15.00 42.70 -25.24
CA GLU A 127 -14.14 42.38 -26.37
C GLU A 127 -12.71 42.79 -26.10
N PRO A 128 -12.44 43.97 -25.54
CA PRO A 128 -11.06 44.29 -25.17
C PRO A 128 -10.39 43.22 -24.34
N GLN A 129 -11.06 42.77 -23.28
CA GLN A 129 -10.45 41.79 -22.39
C GLN A 129 -10.32 40.43 -23.06
N ARG A 130 -11.35 40.00 -23.78
CA ARG A 130 -11.22 38.76 -24.52
C ARG A 130 -9.95 38.80 -25.35
N GLN A 131 -9.78 39.86 -26.13
CA GLN A 131 -8.61 39.95 -27.01
C GLN A 131 -7.33 39.95 -26.18
N ALA A 132 -7.34 40.59 -25.01
CA ALA A 132 -6.18 40.53 -24.15
C ALA A 132 -5.91 39.11 -23.64
N LEU A 133 -6.97 38.30 -23.52
CA LEU A 133 -6.78 36.93 -23.03
C LEU A 133 -6.19 36.04 -24.12
N VAL A 134 -6.65 36.21 -25.37
CA VAL A 134 -6.11 35.44 -26.47
C VAL A 134 -4.60 35.64 -26.54
N SER A 135 -4.16 36.89 -26.42
CA SER A 135 -2.75 37.20 -26.52
C SER A 135 -2.00 36.77 -25.29
N LEU A 136 -2.64 36.84 -24.12
CA LEU A 136 -2.01 36.32 -22.91
C LEU A 136 -1.69 34.84 -23.07
N LEU A 137 -2.67 34.05 -23.53
CA LEU A 137 -2.51 32.60 -23.63
C LEU A 137 -1.56 32.23 -24.77
N ALA A 138 -1.64 32.94 -25.89
CA ALA A 138 -0.71 32.68 -26.99
C ALA A 138 0.73 32.87 -26.54
N GLU A 139 0.97 33.88 -25.69
CA GLU A 139 2.32 34.23 -25.26
C GLU A 139 2.83 33.28 -24.19
N LEU A 140 1.95 32.83 -23.30
CA LEU A 140 2.32 31.82 -22.32
C LEU A 140 2.71 30.54 -23.01
N HIS A 141 1.95 30.16 -24.05
CA HIS A 141 2.24 28.97 -24.83
C HIS A 141 3.56 29.09 -25.56
N ARG A 142 3.80 30.23 -26.17
CA ARG A 142 5.05 30.50 -26.86
C ARG A 142 6.22 30.38 -25.91
N ARG A 143 6.13 31.02 -24.74
CA ARG A 143 7.23 31.02 -23.80
C ARG A 143 7.49 29.66 -23.18
N GLU A 144 6.47 28.83 -22.99
CA GLU A 144 6.61 27.55 -22.29
C GLU A 144 5.98 26.45 -23.14
N PRO A 145 6.58 26.18 -24.29
CA PRO A 145 6.02 25.14 -25.19
C PRO A 145 6.01 23.73 -24.59
N GLN A 146 6.79 23.45 -23.55
CA GLN A 146 6.79 22.13 -22.95
C GLN A 146 5.61 21.90 -22.01
N LEU A 147 4.88 22.93 -21.61
CA LEU A 147 3.74 22.77 -20.71
C LEU A 147 2.48 22.48 -21.51
N SER A 148 1.86 21.34 -21.22
CA SER A 148 0.55 21.08 -21.78
C SER A 148 -0.49 22.00 -21.14
N LEU A 149 -1.38 22.57 -21.97
CA LEU A 149 -2.35 23.55 -21.49
C LEU A 149 -3.76 22.96 -21.56
N PHE A 150 -4.31 22.70 -20.40
CA PHE A 150 -5.59 22.03 -20.15
C PHE A 150 -6.52 23.17 -19.75
N PHE A 151 -7.39 23.58 -20.67
CA PHE A 151 -8.29 24.71 -20.45
C PHE A 151 -9.55 24.31 -19.70
N ASN A 152 -9.97 25.14 -18.76
CA ASN A 152 -11.32 25.06 -18.23
C ASN A 152 -12.16 26.00 -19.06
N ARG A 153 -12.98 25.44 -19.95
CA ARG A 153 -13.83 26.23 -20.86
C ARG A 153 -12.87 27.10 -21.67
N GLY A 154 -13.10 28.41 -21.76
CA GLY A 154 -12.39 29.25 -22.72
C GLY A 154 -13.00 29.28 -24.10
N PHE A 155 -14.31 29.04 -24.22
CA PHE A 155 -14.95 28.97 -25.53
C PHE A 155 -14.85 30.29 -26.30
N GLU A 156 -14.66 31.40 -25.60
CA GLU A 156 -14.56 32.70 -26.25
C GLU A 156 -13.19 32.94 -26.88
N VAL A 157 -12.17 32.19 -26.47
CA VAL A 157 -10.83 32.44 -26.95
C VAL A 157 -10.24 31.27 -27.70
N LEU A 158 -10.71 30.03 -27.47
CA LEU A 158 -10.19 28.89 -28.20
C LEU A 158 -10.28 29.05 -29.72
N PRO A 159 -11.32 29.65 -30.29
CA PRO A 159 -11.36 29.73 -31.77
C PRO A 159 -10.17 30.47 -32.35
N GLU A 160 -9.53 31.34 -31.57
CA GLU A 160 -8.35 32.05 -32.02
C GLU A 160 -7.06 31.45 -31.46
N LEU A 161 -7.13 30.28 -30.85
CA LEU A 161 -5.93 29.61 -30.32
C LEU A 161 -5.86 28.19 -30.87
N PRO A 162 -5.88 28.03 -32.19
CA PRO A 162 -5.83 26.67 -32.77
C PRO A 162 -4.59 25.95 -32.34
N GLY A 163 -4.78 24.69 -31.95
CA GLY A 163 -3.68 23.82 -31.60
C GLY A 163 -3.04 24.11 -30.28
N VAL A 164 -3.60 25.01 -29.47
CA VAL A 164 -2.92 25.42 -28.25
C VAL A 164 -3.34 24.56 -27.07
N ALA A 165 -4.61 24.16 -27.01
CA ALA A 165 -5.15 23.44 -25.86
C ALA A 165 -4.98 21.94 -26.06
N SER A 166 -4.51 21.25 -25.02
CA SER A 166 -4.39 19.80 -25.05
C SER A 166 -5.68 19.10 -24.67
N ALA A 167 -6.58 19.81 -23.99
CA ALA A 167 -7.83 19.25 -23.53
C ALA A 167 -8.63 20.43 -23.04
N VAL A 168 -9.94 20.28 -23.00
CA VAL A 168 -10.81 21.33 -22.46
C VAL A 168 -11.78 20.68 -21.46
N ALA A 169 -11.85 21.22 -20.26
CA ALA A 169 -12.79 20.73 -19.25
C ALA A 169 -14.06 21.57 -19.26
N VAL A 170 -15.15 20.96 -18.76
CA VAL A 170 -16.43 21.64 -18.64
C VAL A 170 -17.12 21.13 -17.36
N GLU A 171 -17.39 22.03 -16.45
CA GLU A 171 -18.26 21.71 -15.32
C GLU A 171 -19.72 22.01 -15.71
N ILE A 173 -22.01 18.99 -17.21
CA ILE A 173 -22.77 18.31 -18.25
C ILE A 173 -24.13 17.75 -17.73
N HIS A 174 -24.11 16.87 -16.71
CA HIS A 174 -25.34 16.28 -16.19
C HIS A 174 -25.56 16.52 -14.71
N ALA A 175 -24.52 16.44 -13.87
CA ALA A 175 -24.61 16.67 -12.43
C ALA A 175 -23.66 17.79 -12.05
N GLY A 176 -24.21 18.90 -11.62
CA GLY A 176 -23.44 20.08 -11.33
C GLY A 176 -23.55 20.47 -9.87
N TRP A 177 -22.79 21.50 -9.55
CA TRP A 177 -22.74 22.12 -8.23
C TRP A 177 -23.06 23.59 -8.39
N GLU A 178 -24.00 24.09 -7.61
CA GLU A 178 -24.40 25.49 -7.64
C GLU A 178 -23.84 26.14 -6.36
N ALA A 179 -22.74 26.88 -6.53
CA ALA A 179 -22.03 27.47 -5.40
C ALA A 179 -22.89 28.48 -4.66
N ALA A 180 -23.75 29.20 -5.37
CA ALA A 180 -24.57 30.23 -4.74
C ALA A 180 -25.49 29.65 -3.68
N SER A 181 -26.02 28.46 -3.92
CA SER A 181 -26.96 27.84 -2.99
C SER A 181 -26.36 26.65 -2.26
N SER A 182 -25.07 26.40 -2.46
CA SER A 182 -24.38 25.27 -1.84
C SER A 182 -25.13 23.96 -2.05
N ARG A 183 -25.44 23.65 -3.30
CA ARG A 183 -26.11 22.37 -3.48
C ARG A 183 -25.72 21.72 -4.80
N TYR A 184 -25.90 20.41 -4.79
CA TYR A 184 -25.83 19.57 -5.96
C TYR A 184 -27.12 19.72 -6.75
N ARG A 185 -26.99 19.98 -8.05
CA ARG A 185 -28.11 20.35 -8.91
C ARG A 185 -27.96 19.64 -10.24
N THR A 186 -29.01 18.99 -10.70
CA THR A 186 -29.04 18.50 -12.07
C THR A 186 -28.85 19.68 -13.03
N VAL A 187 -28.14 19.42 -14.12
CA VAL A 187 -27.80 20.46 -15.10
C VAL A 187 -29.00 20.71 -16.01
N SER A 188 -29.33 21.99 -16.24
CA SER A 188 -30.47 22.33 -17.09
C SER A 188 -30.26 21.85 -18.52
N GLN A 189 -31.35 21.52 -19.20
CA GLN A 189 -31.23 21.27 -20.63
C GLN A 189 -30.86 22.54 -21.37
N GLU A 190 -31.28 23.69 -20.86
CA GLU A 190 -30.86 24.97 -21.43
C GLU A 190 -29.34 25.09 -21.38
N ASP A 191 -28.73 24.79 -20.23
CA ASP A 191 -27.29 24.91 -20.10
C ASP A 191 -26.58 23.99 -21.08
N ARG A 192 -27.09 22.77 -21.27
CA ARG A 192 -26.47 21.84 -22.20
C ARG A 192 -26.59 22.33 -23.65
N ASP A 193 -27.74 22.89 -24.00
CA ASP A 193 -27.93 23.39 -25.35
C ASP A 193 -26.97 24.52 -25.67
N TRP A 194 -26.78 25.42 -24.72
CA TRP A 194 -25.75 26.44 -24.90
C TRP A 194 -24.38 25.82 -25.12
N LEU A 195 -24.04 24.78 -24.37
CA LEU A 195 -22.70 24.20 -24.48
C LEU A 195 -22.53 23.44 -25.78
N GLN A 196 -23.61 22.85 -26.28
CA GLN A 196 -23.53 21.83 -27.33
C GLN A 196 -22.73 22.24 -28.55
N PRO A 197 -22.94 23.44 -29.14
CA PRO A 197 -22.16 23.79 -30.33
C PRO A 197 -20.69 23.94 -30.03
N HIS A 198 -20.36 24.52 -28.87
CA HIS A 198 -18.96 24.69 -28.50
C HIS A 198 -18.26 23.35 -28.39
N LEU A 199 -18.93 22.35 -27.83
CA LEU A 199 -18.31 21.05 -27.61
C LEU A 199 -18.20 20.28 -28.92
N GLU A 200 -19.25 20.31 -29.75
CA GLU A 200 -19.19 19.73 -31.09
C GLU A 200 -17.95 20.20 -31.83
N ALA A 201 -17.73 21.52 -31.84
CA ALA A 201 -16.59 22.07 -32.56
C ALA A 201 -15.28 21.52 -32.00
N LEU A 202 -15.14 21.54 -30.67
CA LEU A 202 -13.89 21.03 -30.08
C LEU A 202 -13.68 19.56 -30.46
N ARG A 203 -14.75 18.76 -30.45
CA ARG A 203 -14.61 17.35 -30.81
C ARG A 203 -14.13 17.21 -32.25
N ALA A 204 -14.56 18.11 -33.15
CA ALA A 204 -14.15 18.03 -34.54
C ALA A 204 -12.69 18.39 -34.72
N GLN A 205 -12.13 19.22 -33.85
CA GLN A 205 -10.70 19.48 -33.89
C GLN A 205 -9.90 18.45 -33.11
N GLY A 206 -10.51 17.35 -32.72
CA GLY A 206 -9.81 16.32 -31.96
C GLY A 206 -9.37 16.69 -30.56
N VAL A 207 -10.01 17.66 -29.92
CA VAL A 207 -9.61 18.11 -28.59
C VAL A 207 -10.33 17.23 -27.56
N PRO A 208 -9.63 16.51 -26.70
CA PRO A 208 -10.29 15.76 -25.63
C PRO A 208 -11.17 16.64 -24.77
N LEU A 209 -12.33 16.13 -24.41
CA LEU A 209 -13.28 16.84 -23.57
C LEU A 209 -13.39 16.14 -22.21
N VAL A 210 -13.21 16.91 -21.14
CA VAL A 210 -13.24 16.35 -19.80
C VAL A 210 -14.49 16.88 -19.09
N ALA A 211 -15.43 15.98 -18.75
CA ALA A 211 -16.66 16.39 -18.06
C ALA A 211 -16.44 16.29 -16.55
N ILE A 212 -16.43 17.43 -15.87
CA ILE A 212 -16.24 17.50 -14.42
C ILE A 212 -17.61 17.63 -13.79
N GLU A 213 -18.06 16.57 -13.13
CA GLU A 213 -19.39 16.48 -12.55
C GLU A 213 -19.27 16.44 -11.04
N TYR A 214 -20.34 16.80 -10.36
CA TYR A 214 -20.35 16.86 -8.90
C TYR A 214 -21.52 16.08 -8.33
N LEU A 215 -21.21 15.09 -7.50
CA LEU A 215 -22.16 14.31 -6.73
C LEU A 215 -21.65 14.15 -5.31
N PRO A 216 -22.52 14.09 -4.31
CA PRO A 216 -22.07 13.87 -2.94
C PRO A 216 -21.49 12.48 -2.77
N PRO A 217 -20.60 12.30 -1.81
CA PRO A 217 -19.86 11.02 -1.74
C PRO A 217 -20.75 9.81 -1.60
N GLU A 218 -21.86 9.93 -0.86
CA GLU A 218 -22.75 8.79 -0.65
C GLU A 218 -23.41 8.32 -1.93
N ARG A 219 -23.46 9.15 -2.96
CA ARG A 219 -24.17 8.75 -4.20
C ARG A 219 -23.19 8.18 -5.23
N ARG A 220 -22.35 7.31 -4.71
CA ARG A 220 -21.27 6.71 -5.50
C ARG A 220 -21.83 5.79 -6.59
N GLU A 221 -22.92 5.06 -6.34
CA GLU A 221 -23.42 4.18 -7.40
C GLU A 221 -23.93 5.00 -8.57
N GLU A 222 -24.61 6.09 -8.28
CA GLU A 222 -25.01 7.03 -9.32
C GLU A 222 -23.81 7.58 -10.08
N ALA A 223 -22.74 7.91 -9.36
CA ALA A 223 -21.56 8.41 -10.02
C ALA A 223 -21.02 7.39 -11.01
N ARG A 224 -21.05 6.10 -10.65
CA ARG A 224 -20.56 5.10 -11.60
C ARG A 224 -21.38 5.10 -12.88
N GLU A 225 -22.70 5.21 -12.75
CA GLU A 225 -23.59 5.22 -13.89
C GLU A 225 -23.36 6.47 -14.73
N LEU A 226 -23.25 7.62 -14.09
CA LEU A 226 -22.98 8.84 -14.85
C LEU A 226 -21.67 8.75 -15.61
N ALA A 227 -20.62 8.22 -14.98
CA ALA A 227 -19.33 8.12 -15.65
C ALA A 227 -19.45 7.25 -16.89
N ALA A 228 -20.13 6.11 -16.78
CA ALA A 228 -20.34 5.26 -17.94
C ALA A 228 -21.12 6.02 -19.02
N ARG A 229 -22.13 6.78 -18.63
CA ARG A 229 -22.90 7.53 -19.61
C ARG A 229 -22.02 8.55 -20.35
N LEU A 230 -21.19 9.28 -19.60
CA LEU A 230 -20.39 10.35 -20.19
C LEU A 230 -19.34 9.80 -21.14
N VAL A 231 -18.83 8.61 -20.85
CA VAL A 231 -17.89 7.96 -21.75
C VAL A 231 -18.56 7.66 -23.08
N LYS A 232 -19.77 7.09 -23.04
CA LYS A 232 -20.48 6.82 -24.29
C LYS A 232 -20.76 8.11 -25.05
N GLU A 233 -21.02 9.20 -24.34
CA GLU A 233 -21.26 10.49 -24.97
C GLU A 233 -19.98 11.17 -25.45
N GLY A 234 -18.82 10.53 -25.30
CA GLY A 234 -17.59 11.09 -25.85
C GLY A 234 -16.78 11.97 -24.92
N PHE A 235 -17.00 11.89 -23.60
CA PHE A 235 -16.25 12.68 -22.63
C PHE A 235 -15.31 11.79 -21.83
N ILE A 236 -14.29 12.39 -21.23
CA ILE A 236 -13.58 11.79 -20.10
C ILE A 236 -14.21 12.33 -18.82
N PRO A 237 -14.97 11.52 -18.09
CA PRO A 237 -15.62 12.04 -16.90
C PRO A 237 -14.73 11.99 -15.66
N TYR A 238 -14.96 12.94 -14.78
CA TYR A 238 -14.47 12.87 -13.42
C TYR A 238 -15.59 13.39 -12.52
N VAL A 239 -16.13 12.51 -11.68
CA VAL A 239 -17.28 12.82 -10.84
C VAL A 239 -16.79 12.93 -9.40
N THR A 240 -16.92 14.12 -8.81
CA THR A 240 -16.27 14.35 -7.53
C THR A 240 -17.12 15.32 -6.71
N THR A 241 -16.51 15.91 -5.67
CA THR A 241 -17.14 16.87 -4.79
C THR A 241 -16.59 18.26 -5.00
N PRO A 242 -17.35 19.29 -4.60
CA PRO A 242 -16.99 20.68 -4.95
C PRO A 242 -15.66 21.12 -4.42
N ALA A 243 -15.21 20.56 -3.29
CA ALA A 243 -13.89 20.89 -2.75
C ALA A 243 -12.76 20.12 -3.43
N LEU A 244 -13.08 19.21 -4.35
CA LEU A 244 -12.08 18.37 -5.05
C LEU A 244 -11.12 17.77 -4.04
N ASP A 245 -11.70 17.20 -2.98
CA ASP A 245 -10.95 16.62 -1.88
C ASP A 245 -11.34 15.15 -1.67
N THR A 246 -11.78 14.51 -2.73
CA THR A 246 -12.23 13.12 -2.72
C THR A 246 -11.67 12.41 -3.92
N LEU A 247 -11.45 11.12 -3.78
CA LEU A 247 -10.98 10.28 -4.90
C LEU A 247 -12.21 9.92 -5.71
N GLY A 248 -12.38 10.61 -6.83
CA GLY A 248 -13.63 10.57 -7.55
C GLY A 248 -13.70 9.42 -8.54
N VAL A 249 -14.86 9.25 -9.14
CA VAL A 249 -15.10 8.22 -10.14
C VAL A 249 -14.81 8.78 -11.53
N GLY A 250 -13.94 8.13 -12.29
CA GLY A 250 -13.58 8.61 -13.61
C GLY A 250 -13.89 7.58 -14.69
N SER A 251 -13.08 7.52 -15.73
CA SER A 251 -13.24 6.45 -16.70
C SER A 251 -12.69 5.14 -16.17
N LEU A 252 -11.97 5.21 -15.06
CA LEU A 252 -11.69 4.07 -14.21
C LEU A 252 -12.10 4.49 -12.80
N GLU A 253 -12.20 3.50 -11.92
CA GLU A 253 -12.56 3.73 -10.52
C GLU A 253 -11.57 3.02 -9.61
N VAL A 254 -10.91 3.77 -8.76
CA VAL A 254 -9.97 3.21 -7.80
C VAL A 254 -10.72 2.35 -6.79
N GLN A 255 -10.20 1.16 -6.52
CA GLN A 255 -10.81 0.30 -5.48
C GLN A 255 -10.32 0.77 -4.12
N PRO A 256 -11.21 1.14 -3.20
CA PRO A 256 -10.76 1.54 -1.87
C PRO A 256 -9.95 0.44 -1.19
N ARG A 257 -8.65 0.66 -0.98
CA ARG A 257 -7.74 -0.38 -0.50
C ARG A 257 -7.06 0.05 0.78
N ARG A 258 -7.60 1.07 1.45
CA ARG A 258 -7.09 1.49 2.75
C ARG A 258 -8.14 1.23 3.83
N ILE A 259 -7.67 0.88 5.02
CA ILE A 259 -8.48 0.86 6.24
C ILE A 259 -7.80 1.76 7.26
N ALA A 260 -8.59 2.64 7.89
CA ALA A 260 -8.10 3.52 8.95
C ALA A 260 -8.28 2.87 10.31
N LEU A 261 -7.32 3.06 11.20
CA LEU A 261 -7.46 2.56 12.55
C LEU A 261 -7.23 3.73 13.50
N VAL A 262 -8.26 4.10 14.24
CA VAL A 262 -8.23 5.29 15.12
C VAL A 262 -8.00 4.81 16.54
N TYR A 263 -7.03 5.41 17.22
CA TYR A 263 -6.70 5.08 18.59
C TYR A 263 -6.66 6.34 19.46
N ASP A 264 -6.68 6.12 20.78
CA ASP A 264 -6.67 7.20 21.74
C ASP A 264 -5.27 7.32 22.33
N PRO A 265 -4.51 8.36 21.99
CA PRO A 265 -3.15 8.48 22.55
C PRO A 265 -3.10 8.54 24.08
N ARG A 266 -4.14 9.07 24.71
CA ARG A 266 -4.16 9.04 26.16
C ARG A 266 -4.00 7.63 26.69
N GLU A 267 -4.38 6.64 25.90
CA GLU A 267 -4.32 5.27 26.38
C GLU A 267 -2.98 4.62 26.08
N GLY A 268 -2.10 5.30 25.35
CA GLY A 268 -0.83 4.75 24.94
C GLY A 268 -0.53 5.17 23.51
N GLU A 269 0.74 5.07 23.13
CA GLU A 269 1.13 5.40 21.77
C GLU A 269 0.74 4.26 20.82
N LEU A 270 0.88 4.54 19.53
CA LEU A 270 0.46 3.59 18.51
C LEU A 270 1.06 2.22 18.76
N GLU A 271 2.35 2.17 19.06
CA GLU A 271 3.07 0.89 19.06
C GLU A 271 2.63 -0.01 20.20
N SER A 272 1.86 0.49 21.16
CA SER A 272 1.33 -0.39 22.20
C SER A 272 -0.19 -0.50 22.15
N ASN A 273 -0.84 0.14 21.18
CA ASN A 273 -2.29 0.02 21.06
C ASN A 273 -2.66 -1.40 20.64
N PRO A 274 -3.57 -2.06 21.36
CA PRO A 274 -3.90 -3.45 21.01
C PRO A 274 -4.46 -3.63 19.60
N GLY A 275 -5.07 -2.61 19.01
CA GLY A 275 -5.55 -2.72 17.64
C GLY A 275 -4.40 -2.80 16.65
N HIS A 276 -3.44 -1.90 16.77
CA HIS A 276 -2.21 -2.01 15.98
C HIS A 276 -1.56 -3.38 16.20
N VAL A 277 -1.37 -3.77 17.46
CA VAL A 277 -0.54 -4.95 17.74
C VAL A 277 -1.23 -6.24 17.32
N MET A 278 -2.55 -6.34 17.50
CA MET A 278 -3.23 -7.60 17.22
C MET A 278 -4.00 -7.62 15.93
N LEU A 279 -4.45 -6.47 15.43
CA LEU A 279 -5.28 -6.43 14.23
C LEU A 279 -4.55 -5.92 13.01
N GLY A 280 -3.58 -5.03 13.17
CA GLY A 280 -2.90 -4.45 12.02
C GLY A 280 -2.41 -5.50 11.03
N GLY A 281 -1.89 -6.61 11.54
CA GLY A 281 -1.28 -7.58 10.66
C GLY A 281 -2.31 -8.39 9.94
N LEU A 282 -3.49 -8.53 10.55
CA LEU A 282 -4.58 -9.20 9.87
C LEU A 282 -5.17 -8.35 8.75
N LEU A 283 -5.22 -7.03 8.93
CA LEU A 283 -5.75 -6.17 7.86
C LEU A 283 -4.78 -6.12 6.68
N GLU A 284 -3.47 -6.06 6.97
CA GLU A 284 -2.45 -6.22 5.93
C GLU A 284 -2.64 -7.54 5.17
N TYR A 285 -2.71 -8.64 5.89
CA TYR A 285 -2.91 -9.94 5.23
C TYR A 285 -4.19 -9.94 4.37
N LEU A 286 -5.29 -9.37 4.88
CA LEU A 286 -6.53 -9.44 4.13
C LEU A 286 -6.46 -8.68 2.81
N GLY A 287 -5.59 -7.68 2.70
CA GLY A 287 -5.38 -7.02 1.42
C GLY A 287 -5.26 -5.51 1.45
N TYR A 288 -5.06 -4.89 2.63
CA TYR A 288 -5.24 -3.44 2.79
C TYR A 288 -4.01 -2.72 3.34
N ARG A 289 -3.84 -1.50 2.84
CA ARG A 289 -3.02 -0.51 3.51
C ARG A 289 -3.74 -0.06 4.78
N VAL A 290 -2.98 0.10 5.85
CA VAL A 290 -3.54 0.51 7.14
C VAL A 290 -2.93 1.84 7.52
N ASP A 291 -3.79 2.87 7.64
CA ASP A 291 -3.36 4.19 8.10
C ASP A 291 -3.87 4.37 9.54
N TYR A 292 -3.03 4.92 10.42
CA TYR A 292 -3.33 4.98 11.84
C TYR A 292 -3.46 6.44 12.27
N TRP A 293 -4.54 6.78 12.96
CA TRP A 293 -4.83 8.15 13.30
C TRP A 293 -5.15 8.29 14.78
N PRO A 294 -4.49 9.21 15.51
CA PRO A 294 -4.82 9.38 16.93
C PRO A 294 -6.18 10.09 17.11
N ALA A 298 -5.21 15.56 14.36
CA ALA A 298 -6.63 15.77 14.17
C ALA A 298 -7.05 14.89 12.99
N LEU A 299 -8.17 14.20 13.18
CA LEU A 299 -8.70 13.33 12.16
C LEU A 299 -8.92 14.09 10.85
N PRO A 300 -8.77 13.41 9.72
CA PRO A 300 -8.93 14.11 8.43
C PRO A 300 -10.34 14.64 8.24
N GLN A 301 -10.43 15.90 7.85
CA GLN A 301 -11.71 16.55 7.63
C GLN A 301 -12.02 16.59 6.13
N ARG A 302 -12.03 15.41 5.52
CA ARG A 302 -12.42 15.27 4.12
C ARG A 302 -13.13 13.94 3.97
N PRO A 303 -13.85 13.73 2.87
CA PRO A 303 -14.54 12.46 2.70
C PRO A 303 -13.54 11.31 2.71
N LEU A 304 -13.92 10.19 3.33
CA LEU A 304 -13.12 8.96 3.18
C LEU A 304 -13.65 8.09 2.04
N LYS A 305 -14.86 8.39 1.54
CA LYS A 305 -15.49 7.60 0.51
C LYS A 305 -14.62 7.55 -0.74
N GLY A 306 -14.48 6.36 -1.30
CA GLY A 306 -13.65 6.16 -2.47
C GLY A 306 -12.21 5.88 -2.17
N LEU A 307 -11.78 6.05 -0.93
CA LEU A 307 -10.39 5.81 -0.54
C LEU A 307 -10.25 4.80 0.60
N TYR A 308 -11.12 4.88 1.62
CA TYR A 308 -11.14 3.96 2.75
C TYR A 308 -12.30 2.99 2.61
N ALA A 309 -12.00 1.70 2.79
CA ALA A 309 -13.04 0.68 2.80
C ALA A 309 -13.72 0.65 4.15
N GLY A 310 -13.08 1.21 5.18
CA GLY A 310 -13.68 1.24 6.49
C GLY A 310 -12.75 1.90 7.49
N VAL A 311 -13.31 2.13 8.68
CA VAL A 311 -12.59 2.73 9.80
C VAL A 311 -12.79 1.87 11.04
N VAL A 312 -11.70 1.33 11.57
CA VAL A 312 -11.67 0.67 12.87
C VAL A 312 -11.40 1.72 13.94
N ILE A 313 -12.20 1.68 15.01
CA ILE A 313 -11.98 2.50 16.21
C ILE A 313 -11.73 1.56 17.37
N TRP A 314 -10.59 1.70 18.02
CA TRP A 314 -10.15 0.84 19.12
C TRP A 314 -9.78 1.77 20.28
N MET A 315 -10.80 2.25 21.00
CA MET A 315 -10.61 3.20 22.08
C MET A 315 -11.44 2.73 23.26
N THR A 316 -10.83 2.65 24.45
CA THR A 316 -11.52 2.08 25.61
C THR A 316 -11.63 3.04 26.78
N SER A 317 -11.38 4.33 26.59
CA SER A 317 -11.47 5.31 27.66
C SER A 317 -12.47 6.40 27.34
N GLY A 318 -13.44 6.14 26.45
CA GLY A 318 -14.43 7.11 26.08
C GLY A 318 -13.97 8.09 25.02
N PRO A 319 -14.82 9.06 24.70
CA PRO A 319 -14.47 10.03 23.66
C PRO A 319 -13.29 10.89 24.07
N PRO A 320 -12.59 11.47 23.10
CA PRO A 320 -11.54 12.45 23.43
C PRO A 320 -12.16 13.65 24.14
N SER A 321 -11.29 14.48 24.73
CA SER A 321 -11.81 15.63 25.47
C SER A 321 -12.52 16.58 24.51
N ALA A 322 -12.00 16.70 23.28
CA ALA A 322 -12.71 17.41 22.22
C ALA A 322 -13.82 16.50 21.65
N SER A 323 -14.81 16.19 22.48
CA SER A 323 -15.76 15.15 22.10
C SER A 323 -16.72 15.60 21.01
N ASP A 324 -17.06 16.89 20.96
CA ASP A 324 -18.01 17.36 19.96
C ASP A 324 -17.49 17.14 18.54
N SER A 325 -16.22 17.48 18.31
CA SER A 325 -15.58 17.27 17.02
C SER A 325 -15.46 15.79 16.69
N PHE A 326 -15.09 14.97 17.66
CA PHE A 326 -15.02 13.53 17.44
C PHE A 326 -16.38 12.99 17.00
N HIS A 327 -17.44 13.30 17.76
CA HIS A 327 -18.78 12.85 17.37
C HIS A 327 -19.17 13.36 16.00
N ALA A 328 -18.83 14.61 15.69
CA ALA A 328 -19.09 15.13 14.35
C ALA A 328 -18.41 14.27 13.30
N TRP A 329 -17.15 13.93 13.55
CA TRP A 329 -16.39 13.15 12.56
C TRP A 329 -17.04 11.80 12.34
N LEU A 330 -17.44 11.13 13.42
CA LEU A 330 -18.10 9.85 13.27
C LEU A 330 -19.37 9.97 12.46
N ASN A 331 -20.19 10.98 12.75
CA ASN A 331 -21.44 11.20 12.02
C ASN A 331 -21.17 11.50 10.56
N ALA A 332 -20.04 12.12 10.26
CA ALA A 332 -19.73 12.41 8.86
C ALA A 332 -19.49 11.09 8.11
N ARG A 333 -18.80 10.13 8.74
CA ARG A 333 -18.61 8.83 8.09
C ARG A 333 -19.94 8.10 7.92
N ILE A 334 -20.81 8.15 8.93
CA ILE A 334 -22.12 7.50 8.80
C ILE A 334 -22.87 8.07 7.61
N ASP A 335 -22.87 9.40 7.49
CA ASP A 335 -23.58 10.09 6.43
C ASP A 335 -23.01 9.81 5.04
N GLU A 336 -21.68 9.64 4.92
CA GLU A 336 -21.13 9.27 3.62
C GLU A 336 -21.07 7.75 3.39
N GLN A 337 -21.54 6.97 4.35
CA GLN A 337 -21.59 5.51 4.22
C GLN A 337 -20.19 4.90 4.15
N VAL A 338 -19.30 5.37 4.98
CA VAL A 338 -18.03 4.70 5.22
C VAL A 338 -18.21 3.91 6.51
N PRO A 339 -18.15 2.59 6.45
CA PRO A 339 -18.52 1.81 7.63
C PRO A 339 -17.50 1.99 8.75
N ILE A 340 -17.99 1.87 9.97
CA ILE A 340 -17.19 2.09 11.18
C ILE A 340 -17.34 0.90 12.11
N ALA A 341 -16.23 0.37 12.58
CA ALA A 341 -16.23 -0.79 13.45
C ALA A 341 -15.63 -0.36 14.78
N PHE A 342 -16.46 -0.32 15.81
CA PHE A 342 -15.99 -0.02 17.16
C PHE A 342 -15.55 -1.31 17.82
N LEU A 343 -14.26 -1.44 18.05
CA LEU A 343 -13.74 -2.63 18.72
C LEU A 343 -13.33 -2.29 20.14
N ALA A 344 -13.60 -3.23 21.04
CA ALA A 344 -13.13 -3.24 22.44
C ALA A 344 -13.95 -2.28 23.30
N GLY A 345 -14.01 -1.01 22.92
CA GLY A 345 -14.80 -0.02 23.62
C GLY A 345 -15.65 0.78 22.64
N LEU A 346 -16.54 1.60 23.23
CA LEU A 346 -17.51 2.39 22.48
C LEU A 346 -17.33 3.83 22.95
N PRO A 347 -16.43 4.57 22.31
CA PRO A 347 -16.06 5.93 22.75
C PRO A 347 -17.08 6.99 22.35
N VAL A 348 -18.34 6.74 22.64
CA VAL A 348 -19.44 7.57 22.19
C VAL A 348 -20.24 7.97 23.40
N ASP A 349 -20.37 9.29 23.62
CA ASP A 349 -21.22 9.87 24.66
C ASP A 349 -22.22 10.77 23.95
N ASN A 350 -23.21 10.17 23.32
CA ASN A 350 -24.11 10.88 22.42
C ASN A 350 -25.25 9.95 22.05
N ASP A 351 -26.38 10.10 22.75
CA ASP A 351 -27.47 9.16 22.52
C ASP A 351 -28.05 9.31 21.11
N GLY A 352 -27.96 10.50 20.54
CA GLY A 352 -28.50 10.68 19.20
C GLY A 352 -27.73 9.86 18.18
N LEU A 353 -26.41 9.90 18.28
CA LEU A 353 -25.55 9.06 17.44
C LEU A 353 -25.91 7.60 17.56
N LEU A 354 -26.01 7.09 18.78
CA LEU A 354 -26.41 5.70 18.97
C LEU A 354 -27.79 5.44 18.40
N GLN A 355 -28.72 6.38 18.58
CA GLN A 355 -30.06 6.24 18.02
C GLN A 355 -30.01 6.07 16.51
N ARG A 356 -29.07 6.76 15.84
CA ARG A 356 -28.92 6.62 14.40
C ARG A 356 -28.53 5.20 14.00
N LEU A 357 -27.86 4.49 14.89
CA LEU A 357 -27.43 3.12 14.64
C LEU A 357 -28.38 2.10 15.26
N GLY A 358 -29.56 2.53 15.67
CA GLY A 358 -30.51 1.62 16.26
C GLY A 358 -30.08 1.04 17.58
N MET A 359 -29.20 1.73 18.30
CA MET A 359 -28.73 1.24 19.59
C MET A 359 -29.04 2.27 20.67
N ARG A 360 -28.82 1.85 21.91
CA ARG A 360 -29.08 2.69 23.07
C ARG A 360 -28.41 2.09 24.30
N ARG A 361 -27.94 2.96 25.17
CA ARG A 361 -27.40 2.51 26.45
C ARG A 361 -28.53 2.11 27.39
N LEU A 362 -28.27 1.10 28.21
CA LEU A 362 -29.30 0.63 29.13
C LEU A 362 -28.93 1.00 30.55
N PRO A 370 -25.19 -13.24 33.95
CA PRO A 370 -25.59 -13.14 32.53
C PRO A 370 -25.90 -14.49 31.94
N ARG A 371 -26.98 -14.57 31.18
CA ARG A 371 -27.37 -15.79 30.49
C ARG A 371 -27.27 -15.54 29.00
N LEU A 372 -27.05 -16.61 28.24
CA LEU A 372 -26.85 -16.53 26.80
C LEU A 372 -28.19 -16.76 26.13
N GLU A 373 -28.65 -15.78 25.35
CA GLU A 373 -29.90 -15.91 24.63
C GLU A 373 -29.72 -16.19 23.15
N PHE A 374 -28.62 -15.73 22.55
CA PHE A 374 -28.47 -15.89 21.12
C PHE A 374 -27.03 -15.56 20.73
N HIS A 375 -26.50 -16.28 19.74
CA HIS A 375 -25.32 -15.79 19.03
C HIS A 375 -25.20 -16.30 17.60
N ASP A 376 -24.44 -15.56 16.82
CA ASP A 376 -24.16 -15.88 15.43
C ASP A 376 -22.79 -16.55 15.44
N GLN A 377 -22.77 -17.87 15.27
CA GLN A 377 -21.52 -18.60 15.36
C GLN A 377 -20.60 -18.34 14.16
N SER A 378 -21.14 -17.77 13.08
CA SER A 378 -20.27 -17.37 11.99
C SER A 378 -19.42 -16.16 12.39
N LEU A 379 -19.79 -15.45 13.46
CA LEU A 379 -19.01 -14.28 13.85
C LEU A 379 -18.20 -14.46 15.12
N LEU A 380 -18.59 -15.35 16.02
CA LEU A 380 -17.85 -15.52 17.26
C LEU A 380 -18.08 -16.89 17.86
N GLY A 381 -17.16 -17.30 18.74
CA GLY A 381 -17.31 -18.50 19.53
C GLY A 381 -16.82 -19.79 18.89
N ALA A 382 -16.53 -19.78 17.58
CA ALA A 382 -16.04 -20.98 16.92
C ALA A 382 -14.71 -20.71 16.21
N PHE A 383 -13.94 -19.69 16.64
CA PHE A 383 -12.73 -19.32 15.93
C PHE A 383 -11.49 -19.72 16.70
N GLU A 384 -11.34 -19.26 17.93
CA GLU A 384 -10.27 -19.66 18.83
C GLU A 384 -10.88 -19.93 20.21
N ALA A 385 -11.22 -18.86 20.95
CA ALA A 385 -11.76 -19.03 22.29
C ALA A 385 -13.26 -19.31 22.23
N PRO A 386 -13.75 -20.19 23.08
CA PRO A 386 -15.19 -20.40 23.16
C PRO A 386 -15.86 -19.25 23.89
N LEU A 387 -17.15 -19.12 23.65
CA LEU A 387 -17.96 -18.11 24.31
C LEU A 387 -18.14 -18.47 25.79
N ARG A 388 -17.57 -17.67 26.68
CA ARG A 388 -17.75 -17.85 28.12
C ARG A 388 -18.37 -16.58 28.69
N LEU A 389 -19.41 -16.74 29.50
CA LEU A 389 -20.02 -15.59 30.19
C LEU A 389 -19.14 -15.15 31.34
N ARG A 390 -19.12 -13.84 31.58
CA ARG A 390 -18.13 -13.24 32.48
C ARG A 390 -18.69 -12.18 33.44
N PRO A 395 -21.22 -4.71 29.10
CA PRO A 395 -21.50 -3.39 28.53
C PRO A 395 -22.97 -3.06 28.45
N ALA A 396 -23.34 -1.84 28.85
CA ALA A 396 -24.74 -1.48 29.06
C ALA A 396 -25.27 -0.92 27.74
N LEU A 397 -25.55 -1.85 26.82
CA LEU A 397 -25.80 -1.47 25.44
C LEU A 397 -26.79 -2.44 24.83
N THR A 398 -27.79 -1.92 24.15
CA THR A 398 -28.76 -2.81 23.51
C THR A 398 -29.13 -2.28 22.14
N VAL A 399 -29.82 -3.12 21.38
CA VAL A 399 -30.35 -2.77 20.09
C VAL A 399 -31.81 -2.38 20.25
N THR A 400 -32.18 -1.21 19.71
CA THR A 400 -33.55 -0.73 19.67
C THR A 400 -34.24 -0.95 18.32
N ASP A 401 -33.48 -0.97 17.23
CA ASP A 401 -34.03 -1.16 15.89
C ASP A 401 -33.30 -2.28 15.16
N PRO A 402 -33.84 -3.50 15.17
CA PRO A 402 -33.18 -4.61 14.45
C PRO A 402 -33.09 -4.40 12.95
N GLN A 403 -33.91 -3.53 12.36
CA GLN A 403 -33.73 -3.13 10.96
C GLN A 403 -32.37 -2.50 10.73
N LEU A 404 -31.85 -1.75 11.69
CA LEU A 404 -30.59 -1.04 11.50
C LEU A 404 -29.38 -1.84 11.95
N THR A 405 -29.52 -2.58 13.05
CA THR A 405 -28.42 -3.31 13.65
C THR A 405 -28.85 -4.73 13.97
N GLN A 406 -28.06 -5.68 13.53
CA GLN A 406 -28.30 -7.11 13.78
C GLN A 406 -27.37 -7.60 14.89
N ALA A 407 -27.94 -7.96 16.02
CA ALA A 407 -27.15 -8.54 17.11
C ALA A 407 -26.46 -9.82 16.67
N ALA A 408 -25.17 -9.95 17.00
CA ALA A 408 -24.45 -11.20 16.85
C ALA A 408 -24.41 -11.99 18.15
N LEU A 409 -24.68 -11.31 19.27
CA LEU A 409 -24.59 -11.86 20.62
C LEU A 409 -25.64 -11.13 21.46
N VAL A 410 -26.53 -11.88 22.08
CA VAL A 410 -27.52 -11.30 22.99
C VAL A 410 -27.39 -12.00 24.34
N LEU A 411 -27.06 -11.24 25.37
CA LEU A 411 -27.02 -11.73 26.73
C LEU A 411 -28.15 -11.08 27.54
N GLU A 412 -28.67 -11.84 28.49
CA GLU A 412 -29.76 -11.41 29.34
C GLU A 412 -29.29 -11.40 30.79
N HIS A 413 -29.47 -10.27 31.46
CA HIS A 413 -29.14 -10.18 32.87
C HIS A 413 -30.15 -9.25 33.51
N GLY A 414 -30.71 -9.68 34.65
CA GLY A 414 -31.77 -8.94 35.30
C GLY A 414 -33.00 -8.75 34.45
N GLY A 415 -33.21 -9.63 33.45
CA GLY A 415 -34.34 -9.54 32.58
C GLY A 415 -34.18 -8.65 31.38
N ARG A 416 -33.08 -7.88 31.31
CA ARG A 416 -32.77 -7.01 30.17
C ARG A 416 -31.86 -7.71 29.17
N ARG A 417 -32.03 -7.35 27.90
CA ARG A 417 -31.27 -7.93 26.80
C ARG A 417 -30.13 -6.98 26.39
N TYR A 418 -28.88 -7.44 26.52
CA TYR A 418 -27.71 -6.64 26.17
C TYR A 418 -27.03 -7.20 24.92
N VAL A 419 -26.48 -6.31 24.09
CA VAL A 419 -25.90 -6.71 22.81
C VAL A 419 -24.47 -6.18 22.70
N PRO A 420 -23.46 -7.00 22.99
CA PRO A 420 -22.09 -6.49 22.95
C PRO A 420 -21.40 -6.65 21.60
N VAL A 421 -22.00 -7.37 20.66
CA VAL A 421 -21.43 -7.60 19.35
C VAL A 421 -22.55 -7.55 18.31
N ALA A 422 -22.34 -6.77 17.26
CA ALA A 422 -23.39 -6.53 16.27
C ALA A 422 -22.78 -5.89 15.03
N THR A 423 -23.56 -5.93 13.94
CA THR A 423 -23.17 -5.36 12.66
C THR A 423 -24.42 -4.82 11.97
N GLY A 424 -24.22 -3.87 11.07
CA GLY A 424 -25.26 -3.37 10.20
C GLY A 424 -24.59 -2.71 9.02
N THR A 425 -25.40 -2.11 8.14
CA THR A 425 -24.80 -1.47 6.97
C THR A 425 -23.83 -0.35 7.37
N TRP A 426 -24.06 0.25 8.56
CA TRP A 426 -23.17 1.31 9.06
C TRP A 426 -21.83 0.77 9.60
N GLY A 427 -21.68 -0.54 9.79
CA GLY A 427 -20.47 -1.06 10.38
C GLY A 427 -20.74 -2.07 11.50
N GLY A 428 -20.02 -1.95 12.62
CA GLY A 428 -20.27 -2.91 13.67
C GLY A 428 -19.68 -2.50 15.00
N ILE A 429 -20.02 -3.28 16.04
CA ILE A 429 -19.40 -3.17 17.36
C ILE A 429 -19.00 -4.57 17.80
N ALA A 430 -17.88 -4.64 18.51
CA ALA A 430 -17.48 -5.91 19.13
C ALA A 430 -16.74 -5.51 20.39
N LEU A 431 -17.45 -5.53 21.52
CA LEU A 431 -16.99 -4.90 22.76
C LEU A 431 -16.45 -5.93 23.74
N ALA A 432 -15.43 -5.52 24.52
CA ALA A 432 -14.95 -6.34 25.61
C ALA A 432 -16.12 -6.65 26.55
N PRO A 433 -16.12 -7.83 27.18
CA PRO A 433 -15.13 -8.89 27.15
C PRO A 433 -15.45 -9.98 26.15
N TYR A 434 -16.13 -9.66 25.06
CA TYR A 434 -16.49 -10.64 24.02
C TYR A 434 -15.70 -10.44 22.73
N LEU A 435 -14.63 -9.66 22.78
CA LEU A 435 -13.74 -9.47 21.62
C LEU A 435 -12.57 -10.44 21.68
N VAL A 436 -11.76 -10.34 22.74
CA VAL A 436 -10.62 -11.20 22.99
C VAL A 436 -10.75 -11.75 24.41
N GLU A 437 -10.38 -13.02 24.59
CA GLU A 437 -10.14 -13.58 25.92
C GLU A 437 -8.74 -13.15 26.36
N GLU A 438 -8.61 -12.60 27.57
CA GLU A 438 -7.35 -12.06 28.04
C GLU A 438 -6.87 -12.76 29.31
N ALA A 439 -5.56 -13.05 29.35
CA ALA A 439 -4.85 -13.53 30.54
C ALA A 439 -3.44 -12.95 30.51
N LEU A 440 -2.77 -12.98 31.65
CA LEU A 440 -1.40 -12.48 31.67
C LEU A 440 -0.56 -13.27 30.66
N ASP A 441 -0.02 -12.55 29.67
CA ASP A 441 0.87 -13.03 28.62
C ASP A 441 0.14 -13.70 27.45
N HIS A 442 -1.17 -13.95 27.54
CA HIS A 442 -1.87 -14.71 26.52
C HIS A 442 -3.24 -14.11 26.24
N ARG A 443 -3.62 -14.13 24.96
CA ARG A 443 -4.89 -13.64 24.44
C ARG A 443 -5.36 -14.60 23.36
N ARG A 444 -6.67 -14.74 23.24
CA ARG A 444 -7.26 -15.49 22.14
C ARG A 444 -8.45 -14.71 21.61
N TRP A 445 -8.68 -14.82 20.31
CA TRP A 445 -9.83 -14.16 19.70
C TRP A 445 -11.11 -14.87 20.12
N ILE A 446 -12.13 -14.10 20.49
CA ILE A 446 -13.45 -14.67 20.66
C ILE A 446 -14.28 -14.50 19.39
N ILE A 447 -14.38 -13.24 18.88
CA ILE A 447 -14.89 -13.06 17.54
C ILE A 447 -13.94 -13.73 16.55
N ASP A 448 -14.46 -14.05 15.40
CA ASP A 448 -13.66 -14.38 14.22
C ASP A 448 -13.27 -13.04 13.63
N PRO A 449 -12.02 -12.58 13.77
CA PRO A 449 -11.73 -11.19 13.37
C PRO A 449 -11.88 -10.97 11.87
N PHE A 450 -11.51 -11.97 11.05
CA PHE A 450 -11.67 -11.82 9.61
C PHE A 450 -13.15 -11.70 9.25
N ALA A 451 -13.97 -12.61 9.77
CA ALA A 451 -15.39 -12.58 9.44
C ALA A 451 -16.06 -11.30 9.94
N PHE A 452 -15.66 -10.82 11.13
CA PHE A 452 -16.28 -9.61 11.62
C PHE A 452 -15.93 -8.40 10.75
N ILE A 453 -14.66 -8.23 10.40
CA ILE A 453 -14.28 -7.08 9.59
C ILE A 453 -14.93 -7.15 8.21
N GLN A 454 -14.95 -8.34 7.61
CA GLN A 454 -15.58 -8.53 6.30
C GLN A 454 -17.06 -8.17 6.33
N ARG A 455 -17.74 -8.57 7.39
CA ARG A 455 -19.16 -8.33 7.52
C ARG A 455 -19.44 -6.86 7.79
N ALA A 456 -18.78 -6.31 8.81
CA ALA A 456 -18.95 -4.91 9.20
C ALA A 456 -18.68 -3.97 8.05
N PHE A 457 -17.67 -4.27 7.22
CA PHE A 457 -17.27 -3.35 6.17
C PHE A 457 -17.78 -3.79 4.81
N ALA A 458 -18.51 -4.91 4.75
CA ALA A 458 -18.96 -5.47 3.47
C ALA A 458 -17.83 -5.48 2.44
N LEU A 459 -16.71 -6.03 2.83
CA LEU A 459 -15.52 -6.01 1.97
C LEU A 459 -15.72 -6.84 0.71
N PRO A 460 -15.48 -6.30 -0.47
CA PRO A 460 -15.59 -7.11 -1.69
C PRO A 460 -14.35 -7.97 -1.89
N PRO A 461 -14.45 -9.01 -2.70
CA PRO A 461 -13.26 -9.80 -3.03
C PRO A 461 -12.22 -9.01 -3.80
N LEU A 462 -10.94 -9.26 -3.49
CA LEU A 462 -9.84 -8.52 -4.07
C LEU A 462 -8.73 -9.44 -4.57
N PRO A 463 -7.97 -8.99 -5.54
CA PRO A 463 -6.60 -9.51 -5.68
C PRO A 463 -5.74 -8.84 -4.60
N SER A 464 -5.47 -9.54 -3.50
CA SER A 464 -4.78 -8.92 -2.38
C SER A 464 -3.27 -8.91 -2.55
N PRO A 465 -2.60 -7.77 -2.48
CA PRO A 465 -1.13 -7.78 -2.45
C PRO A 465 -0.64 -8.66 -1.32
N ASP A 466 0.35 -9.51 -1.62
CA ASP A 466 0.78 -10.57 -0.71
C ASP A 466 2.30 -10.70 -0.75
N VAL A 467 2.95 -10.66 0.41
CA VAL A 467 4.39 -10.65 0.47
C VAL A 467 4.95 -11.97 0.96
N THR A 468 4.11 -12.99 1.15
CA THR A 468 4.59 -14.24 1.71
C THR A 468 5.12 -15.22 0.69
N THR A 469 4.81 -14.99 -0.60
CA THR A 469 4.93 -15.95 -1.67
C THR A 469 5.35 -15.21 -2.93
N GLU A 470 6.34 -15.74 -3.64
CA GLU A 470 6.79 -15.14 -4.89
C GLU A 470 7.04 -16.26 -5.89
N ASN A 471 6.54 -16.07 -7.11
CA ASN A 471 6.48 -17.12 -8.12
C ASN A 471 6.08 -18.45 -7.53
N GLY A 472 5.01 -18.43 -6.74
CA GLY A 472 4.41 -19.67 -6.25
C GLY A 472 5.12 -20.33 -5.09
N ARG A 473 6.27 -19.78 -4.67
CA ARG A 473 7.04 -20.31 -3.58
C ARG A 473 7.02 -19.39 -2.38
N ARG A 474 7.00 -19.96 -1.19
CA ARG A 474 7.17 -19.22 0.05
C ARG A 474 8.53 -18.53 0.08
N VAL A 475 8.54 -17.26 0.50
CA VAL A 475 9.74 -16.43 0.48
C VAL A 475 10.59 -16.76 1.70
N ALA A 476 11.90 -16.63 1.54
CA ALA A 476 12.84 -16.85 2.63
C ALA A 476 13.80 -15.68 2.75
N THR A 477 13.90 -15.14 3.95
CA THR A 477 14.95 -14.19 4.31
C THR A 477 15.71 -14.73 5.52
N VAL A 478 16.98 -14.33 5.61
CA VAL A 478 17.81 -14.60 6.78
C VAL A 478 18.57 -13.32 7.09
N HIS A 479 18.35 -12.73 8.26
CA HIS A 479 19.13 -11.57 8.65
C HIS A 479 19.66 -11.73 10.07
N ILE A 480 20.81 -11.12 10.33
CA ILE A 480 21.58 -11.38 11.55
C ILE A 480 21.96 -10.06 12.20
N ASP A 481 21.49 -9.86 13.43
CA ASP A 481 21.92 -8.73 14.24
C ASP A 481 23.34 -8.97 14.73
N GLY A 482 24.17 -7.92 14.72
CA GLY A 482 25.58 -8.06 15.04
C GLY A 482 25.93 -8.35 16.50
N ASP A 483 24.96 -8.39 17.40
CA ASP A 483 25.22 -8.57 18.83
C ASP A 483 25.94 -9.89 19.07
N GLY A 484 27.02 -9.85 19.86
CA GLY A 484 27.71 -11.07 20.22
C GLY A 484 28.75 -11.54 19.20
N PHE A 485 29.05 -10.74 18.18
CA PHE A 485 30.11 -11.05 17.23
C PHE A 485 31.42 -11.30 17.95
N VAL A 486 31.69 -10.51 18.98
CA VAL A 486 32.93 -10.62 19.76
C VAL A 486 32.87 -11.69 20.82
N SER A 487 31.72 -12.32 21.02
CA SER A 487 31.64 -13.40 22.00
C SER A 487 32.41 -14.59 21.49
N ARG A 488 32.94 -15.39 22.42
CA ARG A 488 33.68 -16.60 22.08
C ARG A 488 32.78 -17.81 22.21
N ALA A 489 32.75 -18.64 21.17
CA ALA A 489 31.89 -19.80 21.16
C ALA A 489 32.40 -20.83 22.16
N GLU A 490 31.45 -21.54 22.78
CA GLU A 490 31.77 -22.60 23.73
C GLU A 490 32.04 -23.90 22.97
N VAL A 491 33.02 -23.84 22.07
CA VAL A 491 33.40 -24.97 21.21
C VAL A 491 34.91 -25.11 21.23
N PRO A 492 35.43 -26.28 20.85
CA PRO A 492 36.88 -26.46 20.84
C PRO A 492 37.54 -25.46 19.90
N GLY A 493 38.55 -24.77 20.41
CA GLY A 493 39.17 -23.68 19.70
C GLY A 493 38.69 -22.30 20.10
N THR A 494 37.53 -22.23 20.78
CA THR A 494 36.84 -21.00 21.14
C THR A 494 37.06 -19.86 20.14
N PRO A 495 36.71 -20.08 18.87
CA PRO A 495 36.73 -18.97 17.91
C PRO A 495 35.68 -17.92 18.25
N TYR A 496 35.83 -16.76 17.63
CA TYR A 496 34.85 -15.70 17.77
C TYR A 496 33.53 -16.14 17.16
N ALA A 497 32.43 -15.62 17.69
CA ALA A 497 31.12 -15.97 17.16
C ALA A 497 31.02 -15.59 15.68
N GLY A 498 31.69 -14.50 15.30
CA GLY A 498 31.66 -14.08 13.90
C GLY A 498 32.16 -15.16 12.96
N GLN A 499 33.31 -15.79 13.27
CA GLN A 499 33.84 -16.84 12.42
C GLN A 499 32.93 -18.08 12.45
N GLN A 500 32.42 -18.41 13.62
CA GLN A 500 31.57 -19.58 13.78
C GLN A 500 30.32 -19.51 12.92
N VAL A 501 29.66 -18.34 12.89
CA VAL A 501 28.46 -18.20 12.07
C VAL A 501 28.81 -18.27 10.59
N LEU A 502 29.95 -17.69 10.21
CA LEU A 502 30.39 -17.73 8.83
C LEU A 502 30.61 -19.16 8.34
N GLU A 503 31.27 -19.99 9.17
CA GLU A 503 31.61 -21.35 8.73
C GLU A 503 30.44 -22.32 8.89
N ALA A 504 29.66 -22.15 9.96
CA ALA A 504 28.56 -23.09 10.23
C ALA A 504 27.29 -22.78 9.47
N PHE A 505 26.98 -21.50 9.22
CA PHE A 505 25.66 -21.16 8.69
C PHE A 505 25.69 -20.51 7.32
N ILE A 506 26.52 -19.48 7.13
CA ILE A 506 26.48 -18.73 5.88
C ILE A 506 27.07 -19.54 4.75
N ARG A 507 28.25 -20.12 4.98
CA ARG A 507 28.95 -20.82 3.91
C ARG A 507 28.26 -22.11 3.50
N PRO A 508 27.77 -22.94 4.43
CA PRO A 508 27.20 -24.22 4.00
C PRO A 508 25.81 -24.14 3.38
N TYR A 509 25.02 -23.11 3.64
CA TYR A 509 23.64 -23.12 3.16
C TYR A 509 23.44 -22.16 1.99
N PRO A 510 22.52 -22.49 1.05
CA PRO A 510 22.36 -21.65 -0.14
C PRO A 510 21.30 -20.55 0.02
N LEU A 511 21.21 -19.90 1.17
CA LEU A 511 20.24 -18.83 1.37
C LEU A 511 20.97 -17.48 1.39
N LEU A 512 20.43 -16.52 0.65
CA LEU A 512 20.91 -15.16 0.71
C LEU A 512 20.68 -14.58 2.10
N THR A 513 21.71 -13.94 2.63
CA THR A 513 21.72 -13.52 4.03
C THR A 513 22.19 -12.09 4.14
N SER A 514 21.51 -11.33 5.02
CA SER A 514 21.79 -9.93 5.27
C SER A 514 22.39 -9.80 6.67
N VAL A 515 23.62 -9.32 6.74
CA VAL A 515 24.42 -9.43 7.96
C VAL A 515 24.80 -8.04 8.44
N SER A 516 24.64 -7.80 9.75
CA SER A 516 24.98 -6.54 10.39
C SER A 516 26.08 -6.76 11.43
N VAL A 517 26.81 -5.69 11.72
CA VAL A 517 27.75 -5.65 12.84
C VAL A 517 27.49 -4.39 13.65
N VAL A 518 27.95 -4.41 14.89
CA VAL A 518 27.89 -3.26 15.80
C VAL A 518 29.29 -2.65 15.88
N GLU A 519 29.41 -1.38 15.51
CA GLU A 519 30.74 -0.77 15.54
C GLU A 519 31.31 -0.81 16.96
N GLY A 520 30.44 -0.66 17.95
CA GLY A 520 30.86 -0.72 19.33
C GLY A 520 31.47 -2.03 19.75
N GLU A 521 31.33 -3.07 18.92
CA GLU A 521 31.95 -4.35 19.17
C GLU A 521 33.26 -4.47 18.40
N VAL A 522 33.23 -4.16 17.09
CA VAL A 522 34.27 -4.62 16.19
C VAL A 522 35.28 -3.55 15.80
N GLY A 523 35.02 -2.28 16.08
CA GLY A 523 35.85 -1.20 15.57
C GLY A 523 36.80 -0.59 16.58
N PRO A 524 37.80 0.15 16.09
CA PRO A 524 38.77 0.78 17.02
C PRO A 524 38.14 1.75 18.00
N LYS A 525 37.05 2.41 17.61
CA LYS A 525 36.41 3.39 18.47
C LYS A 525 35.39 2.77 19.40
N GLY A 526 35.27 1.45 19.40
CA GLY A 526 34.30 0.77 20.22
C GLY A 526 34.86 0.38 21.56
N MET A 527 34.27 -0.65 22.15
CA MET A 527 34.54 -1.06 23.52
C MET A 527 35.60 -2.14 23.60
N TYR A 528 36.08 -2.64 22.45
CA TYR A 528 37.10 -3.69 22.40
C TYR A 528 38.20 -3.26 21.44
N PRO A 529 38.76 -2.08 21.64
CA PRO A 529 39.71 -1.52 20.65
C PRO A 529 40.87 -2.44 20.35
N HIS A 530 41.26 -3.30 21.28
CA HIS A 530 42.39 -4.18 21.04
C HIS A 530 42.00 -5.50 20.40
N LEU A 531 40.71 -5.80 20.27
CA LEU A 531 40.26 -6.94 19.49
C LEU A 531 39.92 -6.57 18.05
N SER A 532 39.78 -5.27 17.74
CA SER A 532 39.33 -4.87 16.42
C SER A 532 40.21 -5.44 15.32
N LYS A 533 41.51 -5.61 15.62
CA LYS A 533 42.46 -6.12 14.65
C LYS A 533 42.19 -7.58 14.29
N GLU A 534 41.64 -8.34 15.22
CA GLU A 534 41.25 -9.70 14.91
C GLU A 534 39.81 -9.77 14.39
N LEU A 535 38.97 -8.82 14.78
CA LEU A 535 37.55 -8.88 14.43
C LEU A 535 37.25 -8.29 13.06
N GLU A 536 37.87 -7.15 12.70
CA GLU A 536 37.59 -6.54 11.40
C GLU A 536 37.87 -7.50 10.25
N PRO A 537 38.98 -8.25 10.24
CA PRO A 537 39.18 -9.24 9.16
C PRO A 537 38.07 -10.27 9.05
N ILE A 538 37.52 -10.72 10.18
CA ILE A 538 36.39 -11.64 10.09
C ILE A 538 35.18 -10.96 9.43
N ALA A 539 34.88 -9.73 9.85
CA ALA A 539 33.75 -9.01 9.25
C ALA A 539 33.96 -8.87 7.76
N ARG A 540 35.17 -8.52 7.34
CA ARG A 540 35.44 -8.33 5.92
C ARG A 540 35.19 -9.61 5.13
N ARG A 541 35.61 -10.74 5.69
CA ARG A 541 35.38 -12.03 5.05
C ARG A 541 33.89 -12.34 4.90
N ILE A 542 33.11 -12.08 5.94
CA ILE A 542 31.66 -12.28 5.87
C ILE A 542 31.06 -11.40 4.78
N PHE A 543 31.31 -10.10 4.86
CA PHE A 543 30.70 -9.20 3.87
C PHE A 543 31.14 -9.52 2.45
N ALA A 544 32.28 -10.21 2.28
CA ALA A 544 32.74 -10.54 0.94
C ALA A 544 32.12 -11.83 0.40
N ASP A 545 31.52 -12.65 1.25
CA ASP A 545 30.81 -13.81 0.75
C ASP A 545 29.73 -13.40 -0.28
N PRO A 546 29.59 -14.12 -1.39
CA PRO A 546 28.64 -13.71 -2.42
C PRO A 546 27.17 -13.87 -2.03
N LYS A 547 26.86 -14.62 -0.99
CA LYS A 547 25.48 -14.72 -0.50
C LYS A 547 25.12 -13.63 0.51
N VAL A 548 26.03 -12.70 0.81
CA VAL A 548 25.88 -11.80 1.92
C VAL A 548 25.68 -10.39 1.39
N GLU A 549 24.77 -9.66 2.02
CA GLU A 549 24.70 -8.21 1.83
C GLU A 549 24.93 -7.58 3.19
N VAL A 550 25.41 -6.31 3.16
CA VAL A 550 25.91 -5.61 4.33
C VAL A 550 24.82 -4.78 4.98
N ALA A 551 24.78 -4.77 6.31
CA ALA A 551 23.88 -3.90 7.05
C ALA A 551 24.57 -3.38 8.30
N SER A 552 24.02 -2.31 8.86
CA SER A 552 24.52 -1.73 10.09
C SER A 552 23.62 -2.12 11.26
N HIS A 553 24.23 -2.43 12.41
CA HIS A 553 23.53 -2.62 13.67
C HIS A 553 23.97 -1.60 14.71
N THR A 554 24.36 -0.41 14.25
CA THR A 554 24.54 0.77 15.10
C THR A 554 25.90 0.78 15.80
N PHE A 555 26.16 1.86 16.53
CA PHE A 555 27.41 2.04 17.26
C PHE A 555 27.34 1.38 18.63
N SER A 556 26.32 1.72 19.42
CA SER A 556 26.26 1.37 20.84
C SER A 556 25.18 0.34 21.17
N HIS A 557 24.48 -0.22 20.17
CA HIS A 557 23.35 -1.12 20.35
C HIS A 557 22.42 -0.61 21.46
N PRO A 558 21.81 0.55 21.30
CA PRO A 558 20.82 1.00 22.30
C PRO A 558 19.78 -0.07 22.54
N PHE A 559 19.52 -0.35 23.82
CA PHE A 559 18.50 -1.33 24.17
C PHE A 559 17.10 -0.73 24.10
N PHE A 560 16.99 0.57 24.27
CA PHE A 560 15.72 1.29 24.27
C PHE A 560 15.99 2.62 23.59
N TRP A 561 15.38 2.84 22.43
CA TRP A 561 15.55 4.08 21.71
C TRP A 561 14.71 5.17 22.41
N ASP A 589 23.50 9.64 20.86
CA ASP A 589 23.59 10.44 19.64
C ASP A 589 23.08 9.70 18.39
N MET A 590 21.98 10.19 17.81
CA MET A 590 21.35 9.40 16.76
C MET A 590 22.16 9.44 15.48
N ARG A 591 22.75 10.60 15.14
CA ARG A 591 23.59 10.65 13.94
C ARG A 591 24.79 9.73 14.08
N ARG A 592 25.30 9.53 15.30
CA ARG A 592 26.42 8.62 15.50
C ARG A 592 25.98 7.19 15.25
N GLU A 593 24.80 6.83 15.76
CA GLU A 593 24.29 5.48 15.60
C GLU A 593 23.91 5.17 14.17
N VAL A 594 23.39 6.14 13.43
CA VAL A 594 22.84 5.89 12.09
C VAL A 594 23.86 6.18 11.01
N VAL A 595 24.39 7.37 11.02
CA VAL A 595 25.30 7.80 9.96
C VAL A 595 26.72 7.35 10.26
N GLY A 596 27.18 7.49 11.51
CA GLY A 596 28.58 7.24 11.79
C GLY A 596 28.97 5.79 11.59
N THR A 597 28.12 4.86 12.02
CA THR A 597 28.45 3.46 11.82
C THR A 597 28.26 3.04 10.38
N ARG A 598 27.28 3.61 9.67
CA ARG A 598 27.22 3.43 8.22
C ARG A 598 28.56 3.76 7.61
N ASP A 599 29.09 4.95 7.92
CA ASP A 599 30.36 5.40 7.33
C ASP A 599 31.51 4.51 7.79
N TYR A 600 31.50 4.08 9.05
CA TYR A 600 32.53 3.18 9.53
C TYR A 600 32.59 1.88 8.73
N ILE A 601 31.42 1.25 8.53
CA ILE A 601 31.39 -0.02 7.77
C ILE A 601 31.81 0.20 6.33
N ASN A 602 31.22 1.21 5.68
CA ASN A 602 31.49 1.42 4.27
C ASN A 602 32.97 1.63 4.01
N GLN A 603 33.68 2.23 4.95
CA GLN A 603 35.06 2.65 4.78
C GLN A 603 36.06 1.56 5.14
N ARG A 604 35.78 0.78 6.17
CA ARG A 604 36.74 -0.16 6.70
C ARG A 604 36.41 -1.63 6.50
N LEU A 605 35.15 -1.99 6.22
CA LEU A 605 34.78 -3.41 6.20
C LEU A 605 34.29 -3.94 4.88
N THR A 606 34.04 -3.09 3.89
CA THR A 606 33.52 -3.54 2.62
C THR A 606 33.97 -2.57 1.57
N THR A 607 33.55 -2.81 0.34
CA THR A 607 34.03 -2.05 -0.81
C THR A 607 32.98 -1.06 -1.29
N PRO A 608 33.36 -0.15 -2.19
CA PRO A 608 32.38 0.76 -2.78
C PRO A 608 31.27 0.05 -3.53
N GLU A 609 31.53 -1.15 -4.04
CA GLU A 609 30.51 -1.88 -4.79
C GLU A 609 29.54 -2.66 -3.90
N LYS A 610 29.88 -2.83 -2.62
CA LYS A 610 29.07 -3.60 -1.68
C LYS A 610 28.84 -2.80 -0.42
N PRO A 611 28.16 -1.67 -0.51
CA PRO A 611 27.98 -0.80 0.64
C PRO A 611 26.91 -1.34 1.59
N VAL A 612 26.79 -0.66 2.73
CA VAL A 612 25.69 -0.92 3.65
C VAL A 612 24.37 -0.68 2.92
N LYS A 613 23.45 -1.64 3.01
CA LYS A 613 22.16 -1.51 2.36
C LYS A 613 21.03 -1.19 3.32
N MET A 614 21.20 -1.46 4.61
CA MET A 614 20.10 -1.41 5.56
C MET A 614 20.61 -1.10 6.95
N ILE A 615 19.73 -0.55 7.78
CA ILE A 615 19.97 -0.49 9.22
C ILE A 615 19.01 -1.43 9.92
N PHE A 616 19.56 -2.24 10.82
CA PHE A 616 18.82 -3.16 11.68
C PHE A 616 18.75 -2.54 13.07
N TRP A 617 17.55 -2.23 13.55
CA TRP A 617 17.43 -1.54 14.82
C TRP A 617 17.82 -2.50 15.93
N SER A 618 18.40 -1.95 17.00
CA SER A 618 18.76 -2.71 18.19
C SER A 618 17.66 -2.64 19.24
N GLY A 619 17.74 -3.57 20.19
CA GLY A 619 16.96 -3.41 21.42
C GLY A 619 15.47 -3.49 21.19
N ASP A 620 14.75 -2.53 21.76
CA ASP A 620 13.29 -2.54 21.58
C ASP A 620 12.91 -2.14 20.15
N ALA A 621 13.84 -1.66 19.35
CA ALA A 621 13.60 -1.39 17.95
C ALA A 621 12.38 -0.51 17.75
N LEU A 622 12.24 0.53 18.60
CA LEU A 622 11.19 1.54 18.46
C LEU A 622 11.82 2.93 18.46
N PRO A 623 12.52 3.29 17.41
CA PRO A 623 13.02 4.66 17.28
C PRO A 623 11.89 5.65 17.12
N ASP A 624 12.23 6.93 17.24
CA ASP A 624 11.21 7.94 16.99
C ASP A 624 11.20 8.32 15.52
N ALA A 625 10.21 9.15 15.16
CA ALA A 625 10.00 9.45 13.75
C ALA A 625 11.23 10.13 13.18
N GLU A 626 11.89 10.97 13.98
CA GLU A 626 13.06 11.70 13.51
C GLU A 626 14.23 10.77 13.19
N THR A 627 14.42 9.75 14.02
CA THR A 627 15.46 8.76 13.75
C THR A 627 15.17 7.99 12.46
N ILE A 628 13.94 7.53 12.29
CA ILE A 628 13.57 6.84 11.04
C ILE A 628 13.86 7.75 9.85
N LYS A 629 13.47 9.03 9.93
CA LYS A 629 13.76 9.93 8.82
C LYS A 629 15.27 10.06 8.59
N LEU A 630 16.04 10.14 9.67
CA LEU A 630 17.49 10.19 9.53
C LEU A 630 17.99 8.98 8.77
N ALA A 631 17.47 7.80 9.09
CA ALA A 631 17.90 6.61 8.38
C ALA A 631 17.59 6.73 6.90
N TYR A 632 16.35 7.11 6.54
CA TYR A 632 16.03 7.28 5.13
C TYR A 632 16.94 8.33 4.49
N ASP A 633 17.08 9.48 5.17
CA ASP A 633 17.95 10.53 4.62
C ASP A 633 19.38 10.04 4.40
N SER A 634 19.81 9.01 5.15
CA SER A 634 21.14 8.43 4.99
C SER A 634 21.20 7.27 3.99
N GLY A 635 20.16 7.08 3.17
CA GLY A 635 20.13 5.97 2.24
C GLY A 635 19.87 4.60 2.84
N LEU A 636 19.33 4.52 4.05
CA LEU A 636 19.21 3.23 4.72
C LEU A 636 17.77 2.85 5.04
N PRO A 637 17.15 2.00 4.24
CA PRO A 637 15.91 1.36 4.68
C PRO A 637 16.17 0.58 5.97
N ASN A 638 15.13 0.30 6.71
CA ASN A 638 15.29 -0.19 8.08
C ASN A 638 14.41 -1.41 8.33
N VAL A 639 14.81 -2.22 9.32
CA VAL A 639 14.03 -3.37 9.75
C VAL A 639 14.33 -3.65 11.22
N ASN A 640 13.30 -4.09 11.96
CA ASN A 640 13.34 -4.90 13.19
C ASN A 640 12.18 -4.43 14.08
N GLY A 641 11.96 -5.08 15.19
CA GLY A 641 10.93 -4.72 16.12
C GLY A 641 9.72 -5.65 16.03
N GLY A 642 8.77 -5.39 16.92
CA GLY A 642 7.58 -6.23 17.04
C GLY A 642 7.89 -7.54 17.74
N ASN A 643 6.90 -8.41 17.73
CA ASN A 643 7.02 -9.65 18.48
C ASN A 643 6.16 -10.74 17.88
N THR A 644 6.25 -10.92 16.55
CA THR A 644 5.45 -11.96 15.89
C THR A 644 5.99 -13.31 16.33
N MET A 645 5.19 -14.03 17.08
CA MET A 645 5.56 -15.34 17.59
C MET A 645 4.27 -16.10 17.86
N LEU A 646 4.19 -17.30 17.31
CA LEU A 646 3.07 -18.20 17.53
C LEU A 646 3.64 -19.60 17.75
N THR A 647 3.19 -20.27 18.82
CA THR A 647 3.73 -21.57 19.22
C THR A 647 2.63 -22.62 19.32
N LYS A 648 3.01 -23.90 19.17
CA LYS A 648 2.03 -24.97 19.31
C LYS A 648 1.34 -24.89 20.67
N ALA A 649 2.11 -24.53 21.71
CA ALA A 649 1.52 -24.27 23.01
C ALA A 649 0.42 -23.22 22.92
N TYR A 650 0.73 -22.08 22.27
CA TYR A 650 -0.14 -20.90 22.24
C TYR A 650 -0.20 -20.38 20.81
N PRO A 651 -1.08 -20.96 20.01
CA PRO A 651 -1.04 -20.67 18.56
C PRO A 651 -2.00 -19.57 18.14
N SER A 652 -2.56 -18.81 19.08
CA SER A 652 -3.54 -17.77 18.72
C SER A 652 -2.92 -16.80 17.71
N LEU A 653 -3.70 -16.45 16.69
CA LEU A 653 -3.28 -15.40 15.76
C LEU A 653 -3.08 -14.05 16.45
N THR A 654 -3.59 -13.87 17.68
CA THR A 654 -3.27 -12.64 18.41
C THR A 654 -1.76 -12.46 18.55
N GLY A 655 -0.98 -13.51 18.35
CA GLY A 655 0.46 -13.39 18.41
C GLY A 655 1.11 -12.81 17.17
N LEU A 656 0.32 -12.46 16.16
CA LEU A 656 0.86 -11.88 14.94
C LEU A 656 0.84 -10.36 14.99
N TYR A 657 2.02 -9.76 14.97
CA TYR A 657 2.18 -8.31 14.86
C TYR A 657 1.97 -7.88 13.41
N PRO A 658 1.84 -6.59 13.18
CA PRO A 658 1.90 -6.09 11.80
C PRO A 658 3.31 -6.20 11.27
N LEU A 659 3.39 -6.09 9.95
CA LEU A 659 4.65 -5.87 9.27
C LEU A 659 5.03 -4.40 9.23
N ILE A 660 4.05 -3.48 9.25
CA ILE A 660 4.32 -2.08 8.93
C ILE A 660 4.03 -1.17 10.13
N ARG A 661 4.97 -0.28 10.42
CA ARG A 661 4.85 0.75 11.45
C ARG A 661 5.04 2.12 10.78
N PRO A 662 3.98 2.73 10.26
CA PRO A 662 4.17 4.05 9.62
C PRO A 662 4.35 5.16 10.64
N THR A 663 5.23 6.12 10.31
CA THR A 663 5.47 7.26 11.19
C THR A 663 5.57 8.48 10.27
N SER A 664 5.49 9.65 10.90
CA SER A 664 5.71 10.90 10.17
C SER A 664 7.12 11.02 9.63
N GLY A 665 8.05 10.25 10.17
CA GLY A 665 9.39 10.23 9.61
C GLY A 665 9.60 9.22 8.50
N GLY A 666 8.58 8.42 8.20
CA GLY A 666 8.66 7.34 7.25
C GLY A 666 8.26 6.02 7.88
N VAL A 667 8.31 4.98 7.06
CA VAL A 667 7.85 3.66 7.44
C VAL A 667 8.98 2.87 8.10
N GLN A 668 8.68 2.32 9.26
CA GLN A 668 9.52 1.30 9.88
C GLN A 668 8.91 -0.04 9.56
N TYR A 669 9.75 -1.00 9.15
CA TYR A 669 9.30 -2.36 8.94
C TYR A 669 9.67 -3.20 10.15
N TYR A 670 8.68 -3.87 10.74
CA TYR A 670 8.95 -4.76 11.85
C TYR A 670 9.63 -6.05 11.36
N ALA A 671 10.34 -6.71 12.26
CA ALA A 671 10.85 -8.03 11.91
C ALA A 671 9.64 -8.92 11.61
N PRO A 672 9.60 -9.56 10.43
CA PRO A 672 8.42 -10.40 10.11
C PRO A 672 8.17 -11.49 11.11
N ILE A 673 9.24 -12.07 11.66
CA ILE A 673 9.17 -13.11 12.68
C ILE A 673 10.27 -12.81 13.68
N ILE A 674 9.96 -12.99 14.96
CA ILE A 674 10.91 -12.55 15.97
C ILE A 674 12.09 -13.50 16.08
N ASN A 675 13.12 -13.07 16.79
CA ASN A 675 14.38 -13.80 16.87
C ASN A 675 14.38 -14.76 18.05
N GLU A 676 15.57 -15.13 18.52
CA GLU A 676 15.75 -16.01 19.68
C GLU A 676 15.82 -15.23 20.99
N ARG A 691 12.55 -23.81 18.55
CA ARG A 691 11.26 -24.47 18.59
C ARG A 691 10.09 -23.48 18.50
N ASP A 692 10.15 -22.43 19.29
CA ASP A 692 9.23 -21.32 19.09
C ASP A 692 9.23 -20.88 17.63
N VAL A 693 10.41 -20.90 16.99
CA VAL A 693 10.52 -20.36 15.64
C VAL A 693 10.00 -21.37 14.61
N LEU A 694 10.32 -22.64 14.76
CA LEU A 694 9.77 -23.64 13.85
C LEU A 694 8.25 -23.68 13.94
N ASP A 695 7.71 -23.49 15.15
CA ASP A 695 6.26 -23.43 15.33
C ASP A 695 5.68 -22.19 14.66
N THR A 696 6.35 -21.05 14.81
CA THR A 696 5.83 -19.83 14.19
C THR A 696 5.80 -19.99 12.69
N PHE A 697 6.86 -20.57 12.10
CA PHE A 697 6.84 -20.86 10.67
C PHE A 697 5.60 -21.65 10.28
N ALA A 698 5.34 -22.76 11.01
CA ALA A 698 4.24 -23.64 10.63
C ALA A 698 2.88 -22.97 10.83
N LEU A 699 2.70 -22.28 11.94
CA LEU A 699 1.42 -21.65 12.26
C LEU A 699 1.14 -20.41 11.41
N THR A 700 2.17 -19.85 10.76
CA THR A 700 1.96 -18.76 9.80
C THR A 700 1.96 -19.25 8.36
N ASP A 701 2.00 -20.56 8.16
CA ASP A 701 1.92 -21.19 6.85
C ASP A 701 0.55 -21.74 6.56
N GLN A 702 -0.13 -22.27 7.59
CA GLN A 702 -1.36 -23.02 7.41
C GLN A 702 -2.25 -22.77 8.62
N PRO A 703 -3.57 -22.66 8.44
CA PRO A 703 -4.32 -22.69 7.20
C PRO A 703 -4.15 -21.42 6.34
N ARG A 704 -3.76 -20.33 6.94
CA ARG A 704 -3.45 -19.11 6.21
C ARG A 704 -1.93 -18.93 6.21
N ARG A 705 -1.41 -18.46 5.10
CA ARG A 705 0.02 -18.15 4.99
C ARG A 705 0.17 -16.65 5.27
N LEU A 706 0.43 -16.36 6.53
CA LEU A 706 0.57 -15.01 7.02
C LEU A 706 1.98 -14.50 6.88
N ARG A 707 2.95 -15.39 6.71
CA ARG A 707 4.36 -15.01 6.74
C ARG A 707 5.14 -15.93 5.82
N GLY A 708 6.23 -15.42 5.29
CA GLY A 708 7.24 -16.25 4.70
C GLY A 708 8.10 -16.86 5.77
N LEU A 709 9.18 -17.51 5.31
CA LEU A 709 10.19 -18.09 6.18
C LEU A 709 11.24 -17.02 6.47
N HIS A 710 11.16 -16.41 7.64
CA HIS A 710 12.01 -15.29 7.96
C HIS A 710 12.86 -15.64 9.18
N LEU A 711 14.12 -16.06 8.93
CA LEU A 711 15.03 -16.46 9.98
C LEU A 711 15.83 -15.24 10.43
N TYR A 712 15.77 -14.99 11.73
CA TYR A 712 16.30 -13.77 12.32
C TYR A 712 17.03 -14.17 13.60
N TYR A 713 18.33 -13.87 13.68
CA TYR A 713 19.06 -14.25 14.88
C TYR A 713 20.27 -13.34 15.08
N HIS A 714 21.00 -13.60 16.16
CA HIS A 714 22.14 -12.84 16.61
C HIS A 714 23.40 -13.70 16.51
N PHE A 715 24.56 -13.03 16.46
CA PHE A 715 25.80 -13.78 16.46
C PHE A 715 25.95 -14.60 17.73
N TYR A 716 25.30 -14.19 18.83
CA TYR A 716 25.38 -14.96 20.08
C TYR A 716 24.83 -16.37 19.91
N SER A 717 23.98 -16.61 18.91
CA SER A 717 23.43 -17.94 18.72
C SER A 717 24.48 -18.93 18.24
N GLY A 718 25.63 -18.45 17.78
CA GLY A 718 26.70 -19.34 17.38
C GLY A 718 27.72 -19.60 18.47
N THR A 719 27.40 -19.27 19.72
CA THR A 719 28.33 -19.44 20.83
C THR A 719 28.11 -20.72 21.63
N LYS A 720 26.98 -21.40 21.46
CA LYS A 720 26.65 -22.56 22.26
C LYS A 720 26.24 -23.72 21.36
N GLN A 721 26.75 -24.91 21.67
CA GLN A 721 26.46 -26.09 20.88
C GLN A 721 24.95 -26.30 20.74
N ALA A 722 24.21 -26.00 21.80
CA ALA A 722 22.79 -26.25 21.77
C ALA A 722 22.06 -25.25 20.88
N SER A 723 22.45 -23.96 20.95
CA SER A 723 21.91 -23.00 20.01
C SER A 723 22.33 -23.35 18.60
N ILE A 724 23.60 -23.74 18.41
CA ILE A 724 24.06 -24.09 17.07
C ILE A 724 23.25 -25.25 16.54
N ARG A 725 22.99 -26.25 17.39
CA ARG A 725 22.21 -27.41 16.96
C ARG A 725 20.81 -26.99 16.54
N ALA A 726 20.18 -26.12 17.32
CA ALA A 726 18.83 -25.65 16.98
C ALA A 726 18.83 -24.91 15.65
N MET A 727 19.81 -24.02 15.44
CA MET A 727 19.91 -23.27 14.19
C MET A 727 19.92 -24.21 13.00
N HIS A 728 20.76 -25.24 13.06
CA HIS A 728 20.86 -26.18 11.93
C HIS A 728 19.51 -26.81 11.62
N GLN A 729 18.71 -27.10 12.65
CA GLN A 729 17.38 -27.67 12.40
C GLN A 729 16.43 -26.65 11.76
N ILE A 730 16.56 -25.36 12.07
CA ILE A 730 15.72 -24.36 11.42
C ILE A 730 16.10 -24.25 9.95
N TYR A 731 17.40 -24.12 9.67
CA TYR A 731 17.83 -24.04 8.28
C TYR A 731 17.33 -25.23 7.47
N ALA A 732 17.37 -26.42 8.07
CA ALA A 732 16.92 -27.61 7.37
C ALA A 732 15.43 -27.56 7.05
N GLU A 733 14.59 -27.11 7.99
CA GLU A 733 13.17 -27.02 7.66
C GLU A 733 12.94 -25.99 6.55
N MET A 734 13.66 -24.86 6.60
CA MET A 734 13.50 -23.84 5.57
C MET A 734 13.80 -24.42 4.20
N LEU A 735 14.91 -25.17 4.09
CA LEU A 735 15.35 -25.66 2.80
C LEU A 735 14.45 -26.77 2.28
N ARG A 736 13.89 -27.56 3.19
CA ARG A 736 12.92 -28.58 2.79
C ARG A 736 11.72 -27.96 2.07
N GLN A 737 11.30 -26.77 2.48
CA GLN A 737 10.18 -26.10 1.81
C GLN A 737 10.56 -25.50 0.46
N GLN A 738 11.83 -25.54 0.08
CA GLN A 738 12.26 -25.04 -1.22
C GLN A 738 11.79 -23.61 -1.51
N PRO A 739 12.15 -22.66 -0.67
CA PRO A 739 11.61 -21.30 -0.82
C PRO A 739 12.29 -20.56 -1.97
N LEU A 740 11.79 -19.35 -2.23
CA LEU A 740 12.47 -18.40 -3.10
C LEU A 740 13.23 -17.46 -2.19
N SER A 741 14.57 -17.45 -2.30
CA SER A 741 15.43 -16.75 -1.35
C SER A 741 15.62 -15.30 -1.77
N LEU A 742 15.45 -14.37 -0.82
CA LEU A 742 15.67 -12.95 -1.06
C LEU A 742 16.60 -12.37 -0.01
N TRP A 743 17.43 -11.40 -0.42
CA TRP A 743 18.05 -10.53 0.59
C TRP A 743 16.98 -9.63 1.25
N MET A 744 17.25 -9.25 2.51
CA MET A 744 16.31 -8.43 3.27
C MET A 744 16.05 -7.10 2.56
N SER A 745 17.08 -6.49 1.96
CA SER A 745 16.89 -5.23 1.26
C SER A 745 15.93 -5.39 0.07
N ASP A 746 16.00 -6.51 -0.64
CA ASP A 746 15.00 -6.73 -1.70
C ASP A 746 13.62 -7.07 -1.12
N TYR A 747 13.58 -7.78 0.03
CA TYR A 747 12.29 -8.12 0.63
C TYR A 747 11.56 -6.86 1.06
N VAL A 748 12.29 -5.87 1.55
CA VAL A 748 11.70 -4.62 2.00
C VAL A 748 11.08 -3.85 0.83
N ARG A 749 11.57 -4.05 -0.39
CA ARG A 749 10.87 -3.44 -1.51
C ARG A 749 9.54 -4.13 -1.81
N ARG A 750 9.39 -5.40 -1.38
CA ARG A 750 8.08 -6.04 -1.45
C ARG A 750 7.15 -5.45 -0.38
N LEU A 751 7.66 -5.31 0.86
CA LEU A 751 6.87 -4.70 1.93
C LEU A 751 6.46 -3.27 1.59
N GLU A 752 7.32 -2.56 0.87
CA GLU A 752 6.95 -1.22 0.44
C GLU A 752 5.70 -1.29 -0.41
N GLY A 753 5.61 -2.28 -1.29
CA GLY A 753 4.41 -2.47 -2.09
C GLY A 753 3.23 -2.86 -1.23
N LEU A 754 3.46 -3.72 -0.25
CA LEU A 754 2.38 -4.05 0.69
C LEU A 754 1.75 -2.78 1.24
N HIS A 755 2.58 -1.81 1.66
CA HIS A 755 2.08 -0.59 2.26
C HIS A 755 1.39 0.30 1.23
N CYS A 756 2.02 0.48 0.06
CA CYS A 756 1.68 1.56 -0.86
C CYS A 756 0.73 1.16 -1.99
N ALA A 757 0.52 -0.12 -2.24
CA ALA A 757 -0.19 -0.54 -3.44
C ALA A 757 -1.57 0.10 -3.55
N SER A 758 -1.98 0.39 -4.79
CA SER A 758 -3.36 0.73 -5.11
C SER A 758 -3.90 -0.18 -6.21
N LEU A 759 -5.19 -0.48 -6.11
CA LEU A 759 -5.93 -1.27 -7.10
C LEU A 759 -6.99 -0.37 -7.74
N ALA A 760 -7.23 -0.52 -9.04
CA ALA A 760 -8.30 0.21 -9.72
C ALA A 760 -8.99 -0.72 -10.72
N ARG A 761 -10.26 -0.44 -10.95
CA ARG A 761 -11.09 -1.23 -11.85
C ARG A 761 -11.29 -0.39 -13.09
N ARG A 762 -10.79 -0.88 -14.20
CA ARG A 762 -11.00 -0.19 -15.46
C ARG A 762 -12.38 -0.52 -16.01
N ALA A 763 -12.79 0.27 -17.00
CA ALA A 763 -14.02 -0.01 -17.73
C ALA A 763 -13.93 -1.26 -18.59
N ASP A 764 -12.74 -1.66 -19.04
CA ASP A 764 -12.64 -2.94 -19.75
C ASP A 764 -12.65 -4.12 -18.78
N GLY A 765 -12.85 -3.87 -17.49
CA GLY A 765 -12.96 -4.91 -16.48
C GLY A 765 -11.65 -5.40 -15.89
N ARG A 766 -10.52 -4.91 -16.37
CA ARG A 766 -9.25 -5.36 -15.83
C ARG A 766 -8.86 -4.57 -14.58
N TRP A 767 -8.13 -5.23 -13.72
CA TRP A 767 -7.55 -4.60 -12.54
C TRP A 767 -6.22 -3.96 -12.90
N GLN A 768 -6.05 -2.72 -12.49
CA GLN A 768 -4.86 -1.92 -12.74
C GLN A 768 -4.13 -1.71 -11.41
N LEU A 769 -2.80 -1.79 -11.46
CA LEU A 769 -1.97 -1.73 -10.26
C LEU A 769 -1.05 -0.53 -10.23
N ARG A 770 -0.93 0.10 -9.06
CA ARG A 770 0.06 1.16 -8.86
C ARG A 770 0.71 1.00 -7.50
N GLY A 771 1.92 1.55 -7.38
CA GLY A 771 2.59 1.64 -6.09
C GLY A 771 3.15 0.34 -5.58
N LEU A 772 3.25 -0.72 -6.42
CA LEU A 772 3.71 -2.03 -5.97
C LEU A 772 5.19 -2.07 -5.62
N ALA A 773 6.01 -1.14 -6.12
CA ALA A 773 7.46 -1.16 -5.86
C ALA A 773 8.04 -2.51 -6.25
N GLY A 774 8.55 -3.30 -5.31
CA GLY A 774 9.06 -4.63 -5.66
C GLY A 774 8.09 -5.82 -5.52
N LEU A 775 6.86 -5.58 -5.10
CA LEU A 775 5.90 -6.66 -4.85
C LEU A 775 5.37 -7.21 -6.18
N ARG A 776 5.30 -8.54 -6.28
CA ARG A 776 4.89 -9.18 -7.53
C ARG A 776 3.92 -10.33 -7.32
N THR A 777 3.20 -10.36 -6.20
CA THR A 777 2.23 -11.42 -6.00
C THR A 777 0.88 -10.84 -5.58
N LEU A 778 -0.18 -11.31 -6.19
CA LEU A 778 -1.53 -11.01 -5.74
C LEU A 778 -2.20 -12.32 -5.35
N ARG A 779 -2.73 -12.37 -4.14
CA ARG A 779 -3.50 -13.53 -3.69
C ARG A 779 -4.95 -13.31 -4.13
N LEU A 780 -5.38 -14.04 -5.14
CA LEU A 780 -6.64 -13.72 -5.80
C LEU A 780 -7.79 -14.43 -5.09
N ASP A 781 -8.73 -13.65 -4.61
CA ASP A 781 -9.93 -14.20 -4.01
C ASP A 781 -10.64 -15.11 -4.99
N PRO A 782 -10.89 -16.37 -4.65
CA PRO A 782 -11.50 -17.30 -5.63
C PRO A 782 -12.80 -16.81 -6.20
N ALA A 783 -13.50 -15.92 -5.50
CA ALA A 783 -14.72 -15.37 -6.05
C ALA A 783 -14.47 -14.59 -7.33
N LEU A 784 -13.24 -14.15 -7.57
CA LEU A 784 -12.92 -13.37 -8.77
C LEU A 784 -12.50 -14.26 -9.93
N GLY A 785 -12.24 -15.55 -9.70
CA GLY A 785 -11.96 -16.49 -10.76
C GLY A 785 -10.45 -16.74 -10.93
N TRP A 786 -9.99 -16.60 -12.17
CA TRP A 786 -8.68 -17.00 -12.60
C TRP A 786 -8.14 -15.91 -13.50
N PRO A 787 -6.82 -15.77 -13.58
CA PRO A 787 -6.24 -14.83 -14.54
C PRO A 787 -6.55 -15.24 -15.97
N ASP A 788 -6.91 -14.26 -16.78
CA ASP A 788 -7.14 -14.47 -18.19
C ASP A 788 -5.85 -14.05 -18.85
N LEU A 789 -5.06 -15.04 -19.25
CA LEU A 789 -3.74 -14.79 -19.82
C LEU A 789 -3.79 -14.32 -21.27
N ALA A 790 -4.97 -14.28 -21.89
CA ALA A 790 -5.07 -13.66 -23.20
C ALA A 790 -5.17 -12.14 -23.07
N ARG A 791 -5.78 -11.66 -22.00
CA ARG A 791 -6.08 -10.24 -21.87
C ARG A 791 -5.25 -9.52 -20.82
N SER A 792 -4.44 -10.23 -20.05
CA SER A 792 -3.67 -9.59 -19.00
C SER A 792 -2.41 -8.96 -19.61
N LYS A 793 -1.74 -8.12 -18.84
CA LYS A 793 -0.42 -7.61 -19.19
C LYS A 793 0.44 -7.67 -17.93
N GLY A 794 1.58 -8.36 -18.04
CA GLY A 794 2.47 -8.57 -16.92
C GLY A 794 2.05 -9.64 -15.94
N VAL A 795 1.13 -10.52 -16.32
CA VAL A 795 0.69 -11.61 -15.48
C VAL A 795 1.22 -12.89 -16.10
N ALA A 796 1.99 -13.65 -15.34
CA ALA A 796 2.70 -14.82 -15.84
C ALA A 796 2.06 -16.16 -15.47
N GLY A 797 1.26 -16.21 -14.41
CA GLY A 797 0.70 -17.50 -14.04
C GLY A 797 -0.01 -17.44 -12.72
N VAL A 798 -0.27 -18.63 -12.18
CA VAL A 798 -1.01 -18.81 -10.96
C VAL A 798 -0.58 -20.13 -10.35
N ARG A 799 -0.57 -20.18 -9.02
CA ARG A 799 -0.43 -21.43 -8.27
C ARG A 799 -1.57 -21.50 -7.24
N ASP A 800 -2.45 -22.49 -7.41
CA ASP A 800 -3.65 -22.64 -6.61
C ASP A 800 -3.30 -23.57 -5.46
N LEU A 801 -3.01 -23.00 -4.31
CA LEU A 801 -2.57 -23.71 -3.13
C LEU A 801 -3.69 -23.73 -2.11
N PRO A 802 -3.57 -24.56 -1.08
CA PRO A 802 -4.56 -24.52 0.00
C PRO A 802 -4.71 -23.15 0.63
N GLN A 803 -3.60 -22.45 0.81
CA GLN A 803 -3.62 -21.16 1.48
C GLN A 803 -4.01 -20.00 0.56
N GLY A 804 -4.10 -20.20 -0.75
CA GLY A 804 -4.46 -19.11 -1.63
C GLY A 804 -4.18 -19.43 -3.10
N ARG A 805 -4.81 -18.60 -3.94
CA ARG A 805 -4.64 -18.60 -5.41
C ARG A 805 -3.64 -17.51 -5.78
N TYR A 806 -2.35 -17.88 -5.82
CA TYR A 806 -1.29 -16.90 -5.99
C TYR A 806 -1.08 -16.61 -7.47
N VAL A 807 -1.23 -15.34 -7.83
CA VAL A 807 -0.99 -14.85 -9.18
C VAL A 807 0.36 -14.16 -9.24
N HIS A 808 1.19 -14.55 -10.21
CA HIS A 808 2.57 -14.07 -10.34
C HIS A 808 2.65 -12.92 -11.33
N LEU A 809 3.29 -11.81 -10.93
CA LEU A 809 3.45 -10.65 -11.78
C LEU A 809 4.88 -10.54 -12.28
N SER A 810 5.03 -10.06 -13.51
CA SER A 810 6.34 -9.85 -14.10
C SER A 810 6.76 -8.39 -14.12
N ARG A 811 5.89 -7.49 -13.67
CA ARG A 811 6.15 -6.06 -13.59
C ARG A 811 5.17 -5.44 -12.61
N ALA A 812 5.55 -4.25 -12.09
CA ALA A 812 4.72 -3.55 -11.11
C ALA A 812 3.46 -2.95 -11.72
N ASP A 813 3.51 -2.52 -12.97
CA ASP A 813 2.37 -1.88 -13.61
C ASP A 813 1.57 -2.92 -14.42
N ALA A 814 1.11 -3.95 -13.73
CA ALA A 814 0.43 -5.04 -14.41
C ALA A 814 -1.05 -4.73 -14.58
N LEU A 815 -1.67 -5.41 -15.52
CA LEU A 815 -3.12 -5.32 -15.72
C LEU A 815 -3.67 -6.73 -15.61
N LEU A 816 -4.59 -6.95 -14.69
CA LEU A 816 -5.04 -8.29 -14.38
C LEU A 816 -6.44 -8.46 -14.96
N ALA A 817 -6.53 -9.24 -16.03
CA ALA A 817 -7.81 -9.60 -16.60
C ALA A 817 -8.23 -10.91 -15.96
N LEU A 818 -9.54 -11.11 -15.80
CA LEU A 818 -10.07 -12.27 -15.08
C LEU A 818 -11.01 -13.09 -15.95
N ARG A 819 -11.06 -14.39 -15.69
CA ARG A 819 -11.99 -15.31 -16.33
C ARG A 819 -12.47 -16.32 -15.29
N SER A 820 -13.58 -17.02 -15.57
CA SER A 820 -14.15 -17.85 -14.49
C SER A 820 -13.56 -19.25 -14.42
N SER A 821 -12.72 -19.64 -15.40
CA SER A 821 -12.08 -20.94 -15.42
C SER A 821 -10.57 -20.71 -15.56
N ARG A 822 -9.78 -21.69 -15.14
CA ARG A 822 -8.33 -21.57 -15.28
C ARG A 822 -7.93 -21.54 -16.75
N ASP A 823 -7.12 -20.55 -17.11
CA ASP A 823 -6.62 -20.42 -18.46
C ASP A 823 -5.74 -21.60 -18.88
N PRO A 824 -6.10 -22.32 -19.95
CA PRO A 824 -5.28 -23.47 -20.36
C PRO A 824 -4.00 -23.09 -21.11
N ARG A 825 -3.77 -21.83 -21.44
CA ARG A 825 -2.52 -21.49 -22.10
C ARG A 825 -1.35 -21.66 -21.13
N PRO A 826 -0.13 -21.82 -21.66
CA PRO A 826 1.03 -22.10 -20.80
C PRO A 826 1.19 -20.98 -19.77
N ALA A 827 1.25 -21.37 -18.50
CA ALA A 827 1.32 -20.45 -17.39
C ALA A 827 2.43 -20.83 -16.42
N LEU A 828 3.09 -19.82 -15.85
CA LEU A 828 4.09 -20.11 -14.83
C LEU A 828 3.41 -20.68 -13.59
N GLU A 829 3.90 -21.85 -13.15
CA GLU A 829 3.39 -22.45 -11.92
C GLU A 829 4.22 -22.01 -10.72
N GLU A 830 5.54 -22.24 -10.77
CA GLU A 830 6.47 -21.78 -9.75
C GLU A 830 7.84 -21.53 -10.37
N ALA A 831 8.67 -20.78 -9.63
CA ALA A 831 10.08 -20.56 -10.02
C ALA A 831 10.88 -20.18 -8.79
N ASN A 832 12.21 -20.41 -8.86
CA ASN A 832 13.09 -20.12 -7.73
C ASN A 832 13.78 -18.76 -7.86
N LEU A 833 13.58 -18.01 -8.94
CA LEU A 833 14.23 -16.71 -9.09
C LEU A 833 13.21 -15.62 -9.36
N PRO A 834 13.53 -14.37 -9.05
CA PRO A 834 12.63 -13.27 -9.43
C PRO A 834 12.40 -13.23 -10.93
N LEU A 835 11.17 -12.86 -11.31
CA LEU A 835 10.72 -12.82 -12.69
C LEU A 835 10.68 -11.38 -13.16
N THR A 836 11.35 -11.10 -14.28
CA THR A 836 11.45 -9.72 -14.77
C THR A 836 10.74 -9.49 -16.09
N ALA A 837 10.27 -10.53 -16.78
CA ALA A 837 9.45 -10.31 -17.94
C ALA A 837 8.67 -11.58 -18.29
N TRP A 838 7.47 -11.40 -18.85
CA TRP A 838 6.67 -12.54 -19.31
C TRP A 838 5.60 -11.98 -20.23
N GLU A 839 5.77 -12.20 -21.54
CA GLU A 839 4.86 -11.70 -22.56
C GLU A 839 4.41 -12.82 -23.48
N TYR A 840 3.10 -12.87 -23.75
CA TYR A 840 2.55 -13.83 -24.69
C TYR A 840 2.76 -13.30 -26.11
N ARG A 841 3.51 -14.04 -26.92
CA ARG A 841 3.52 -13.77 -28.35
C ARG A 841 2.30 -14.37 -29.03
N SER A 842 1.78 -15.47 -28.49
CA SER A 842 0.67 -16.22 -29.07
C SER A 842 0.10 -17.10 -27.96
N ALA A 843 -0.93 -17.87 -28.27
CA ALA A 843 -1.51 -18.74 -27.26
C ALA A 843 -0.57 -19.85 -26.85
N SER A 844 0.53 -20.03 -27.58
CA SER A 844 1.45 -21.13 -27.36
C SER A 844 2.89 -20.67 -27.14
N GLN A 845 3.16 -19.38 -27.18
CA GLN A 845 4.53 -18.90 -27.11
C GLN A 845 4.68 -17.74 -26.14
N VAL A 846 5.71 -17.82 -25.31
CA VAL A 846 5.98 -16.84 -24.27
C VAL A 846 7.44 -16.42 -24.41
N SER A 847 7.69 -15.12 -24.34
CA SER A 847 9.02 -14.57 -24.13
C SER A 847 9.17 -14.20 -22.65
N PHE A 848 10.22 -14.68 -22.01
CA PHE A 848 10.34 -14.50 -20.58
C PHE A 848 11.76 -14.15 -20.18
N SER A 849 11.87 -13.55 -19.00
CA SER A 849 13.17 -13.23 -18.41
C SER A 849 13.15 -13.38 -16.90
N PHE A 850 14.22 -13.97 -16.34
CA PHE A 850 14.44 -14.08 -14.92
C PHE A 850 15.84 -13.56 -14.57
N ALA A 851 16.03 -13.14 -13.32
CA ALA A 851 17.38 -12.77 -12.86
C ALA A 851 17.51 -13.00 -11.36
N GLY A 852 18.49 -13.79 -10.98
CA GLY A 852 18.79 -14.00 -9.58
C GLY A 852 20.16 -14.53 -9.31
N GLU A 853 20.28 -15.24 -8.18
CA GLU A 853 21.57 -15.64 -7.65
C GLU A 853 21.82 -17.15 -7.70
N LEU A 854 20.90 -17.93 -8.26
CA LEU A 854 21.03 -19.37 -8.33
C LEU A 854 20.68 -19.83 -9.73
N PRO A 855 21.09 -21.05 -10.11
CA PRO A 855 20.61 -21.60 -11.38
C PRO A 855 19.10 -21.65 -11.41
N LEU A 856 18.51 -21.21 -12.54
CA LEU A 856 17.07 -21.09 -12.66
C LEU A 856 16.37 -22.45 -12.70
N GLN A 857 15.37 -22.60 -11.83
CA GLN A 857 14.42 -23.71 -11.85
C GLN A 857 13.00 -23.15 -11.94
N PHE A 858 12.20 -23.65 -12.86
CA PHE A 858 10.79 -23.26 -12.92
C PHE A 858 9.99 -24.36 -13.58
N SER A 859 8.66 -24.25 -13.46
CA SER A 859 7.74 -25.21 -14.03
C SER A 859 6.52 -24.49 -14.58
N VAL A 860 5.93 -25.11 -15.59
CA VAL A 860 4.89 -24.53 -16.41
C VAL A 860 3.71 -25.49 -16.42
N ARG A 861 2.51 -24.94 -16.30
CA ARG A 861 1.29 -25.74 -16.39
C ARG A 861 0.73 -25.52 -17.78
N ALA A 862 0.66 -26.60 -18.55
CA ALA A 862 0.26 -26.55 -19.94
C ALA A 862 -0.09 -27.96 -20.35
N ALA A 863 -0.86 -28.06 -21.42
CA ALA A 863 -1.21 -29.38 -21.96
C ALA A 863 0.00 -30.01 -22.64
N GLY A 864 0.26 -29.62 -23.88
CA GLY A 864 1.23 -30.31 -24.70
C GLY A 864 2.62 -30.19 -24.13
N PRO A 865 3.56 -30.98 -24.67
CA PRO A 865 4.96 -30.83 -24.26
C PRO A 865 5.45 -29.41 -24.46
N CYS A 866 6.34 -28.98 -23.59
CA CYS A 866 6.85 -27.63 -23.55
C CYS A 866 8.37 -27.67 -23.72
N ARG A 867 8.89 -26.72 -24.48
CA ARG A 867 10.32 -26.56 -24.65
C ARG A 867 10.65 -25.08 -24.46
N VAL A 868 11.86 -24.83 -23.94
CA VAL A 868 12.39 -23.49 -23.78
C VAL A 868 13.67 -23.38 -24.60
N THR A 869 13.80 -22.29 -25.33
CA THR A 869 15.02 -22.00 -26.05
C THR A 869 15.64 -20.73 -25.50
N VAL A 870 16.90 -20.81 -25.10
CA VAL A 870 17.63 -19.67 -24.56
C VAL A 870 18.99 -19.59 -25.23
N ALA A 871 19.30 -18.43 -25.79
CA ALA A 871 20.61 -18.13 -26.36
C ALA A 871 21.10 -19.24 -27.28
N GLY A 872 20.22 -19.66 -28.19
CA GLY A 872 20.59 -20.65 -29.16
C GLY A 872 20.60 -22.08 -28.67
N GLN A 873 20.10 -22.35 -27.47
CA GLN A 873 20.06 -23.70 -26.93
C GLN A 873 18.66 -24.07 -26.48
N SER A 874 18.30 -25.34 -26.69
CA SER A 874 16.96 -25.86 -26.40
C SER A 874 16.95 -26.78 -25.19
N PHE A 875 15.92 -26.66 -24.37
CA PHE A 875 15.75 -27.46 -23.18
C PHE A 875 14.34 -28.06 -23.24
N GLN A 876 14.24 -29.37 -23.19
CA GLN A 876 12.94 -30.02 -23.22
C GLN A 876 12.42 -30.14 -21.79
N GLY A 877 11.15 -29.79 -21.59
CA GLY A 877 10.57 -29.87 -20.28
C GLY A 877 10.31 -31.31 -19.89
N LYS A 878 10.52 -31.61 -18.60
CA LYS A 878 10.22 -32.90 -18.00
C LYS A 878 8.84 -32.84 -17.35
N GLU A 879 7.98 -33.81 -17.69
CA GLU A 879 6.60 -33.76 -17.23
C GLU A 879 6.41 -34.43 -15.88
N HIS A 880 5.60 -33.79 -15.03
CA HIS A 880 5.11 -34.36 -13.78
C HIS A 880 3.73 -33.77 -13.50
N ASP A 881 2.71 -34.62 -13.48
CA ASP A 881 1.38 -34.28 -12.96
C ASP A 881 0.87 -32.95 -13.50
N GLY A 882 0.92 -32.81 -14.82
CA GLY A 882 0.40 -31.64 -15.49
C GLY A 882 1.40 -30.53 -15.68
N LEU A 883 2.56 -30.62 -15.05
CA LEU A 883 3.55 -29.57 -15.11
C LEU A 883 4.73 -29.99 -15.97
N TRP A 884 5.39 -29.00 -16.56
CA TRP A 884 6.63 -29.17 -17.30
C TRP A 884 7.74 -28.45 -16.57
N ARG A 885 8.73 -29.19 -16.09
CA ARG A 885 9.76 -28.64 -15.22
C ARG A 885 11.03 -28.36 -16.01
N PHE A 886 11.68 -27.26 -15.68
CA PHE A 886 12.88 -26.82 -16.35
C PHE A 886 13.95 -26.48 -15.32
N GLN A 887 15.18 -26.90 -15.61
CA GLN A 887 16.37 -26.51 -14.84
C GLN A 887 17.37 -26.00 -15.85
N LEU A 888 17.68 -24.71 -15.80
CA LEU A 888 18.61 -24.13 -16.75
C LEU A 888 19.93 -23.81 -16.05
N PRO A 889 21.04 -23.97 -16.73
CA PRO A 889 22.34 -23.71 -16.08
C PRO A 889 22.74 -22.25 -16.21
N MET A 890 21.87 -21.36 -15.74
CA MET A 890 22.11 -19.92 -15.81
C MET A 890 21.35 -19.26 -14.66
N LYS A 891 21.93 -18.18 -14.12
CA LYS A 891 21.33 -17.38 -13.07
C LYS A 891 20.50 -16.22 -13.62
N GLN A 892 20.55 -15.97 -14.93
CA GLN A 892 19.76 -14.95 -15.59
C GLN A 892 19.35 -15.47 -16.96
N VAL A 893 18.17 -15.08 -17.41
CA VAL A 893 17.67 -15.37 -18.73
C VAL A 893 17.07 -14.09 -19.27
N ARG A 894 17.49 -13.67 -20.46
CA ARG A 894 16.95 -12.50 -21.12
C ARG A 894 16.21 -12.93 -22.38
N ASP A 895 14.90 -12.72 -22.39
CA ASP A 895 14.08 -13.04 -23.56
C ASP A 895 14.25 -14.50 -23.98
N GLY A 896 14.11 -15.39 -23.00
CA GLY A 896 13.90 -16.79 -23.32
C GLY A 896 12.59 -17.01 -24.06
N GLN A 897 12.51 -18.15 -24.74
CA GLN A 897 11.32 -18.51 -25.51
C GLN A 897 10.77 -19.80 -24.94
N LEU A 898 9.51 -19.79 -24.55
CA LEU A 898 8.77 -20.96 -24.17
C LEU A 898 7.75 -21.25 -25.25
N VAL A 899 7.68 -22.50 -25.72
CA VAL A 899 6.68 -22.93 -26.68
C VAL A 899 6.06 -24.24 -26.20
N CYS A 900 4.74 -24.35 -26.32
CA CYS A 900 4.07 -25.57 -25.89
C CYS A 900 3.12 -26.05 -26.98
#